data_4F4Z
#
_entry.id   4F4Z
#
_cell.length_a   50.966
_cell.length_b   51.196
_cell.length_c   98.842
_cell.angle_alpha   75.60
_cell.angle_beta   82.97
_cell.angle_gamma   70.14
#
_symmetry.space_group_name_H-M   'P 1'
#
loop_
_entity.id
_entity.type
_entity.pdbx_description
1 polymer 'DNA polymerase IV'
2 polymer "DNA (5'-D(*AP*GP*GP*GP*GP*GP*AP*AP*GP*CP*CP*G)-3')"
3 polymer "DNA (5'-D(*TP*TP*CP*CP*GP*CP*CP*CP*GP*GP*CP*TP*TP*CP*CP*CP*CP*CP*T)-3')"
4 non-polymer 'CALCIUM ION'
5 water water
#
loop_
_entity_poly.entity_id
_entity_poly.type
_entity_poly.pdbx_seq_one_letter_code
_entity_poly.pdbx_strand_id
1 'polypeptide(L)'
;MIVLFVDFDYFYAQVEEVLNPSLKGKPVVVCVFSGRFEDSGAVATANYEARKFGVKAGIPIVEAKKILPNAVYLPMRKEV
YQQVSSRIMNLLREYSEKIEIASIDEAYLDISDKVRDYREAYNLGLEIKNKILEKEKITVTVGISKNKVFAKIAADMAKP
NGIKVIDDEEVKRLIRELDIADVPGIGNITAEKLKKLGINKLVDTLSIEFDKLKGMIGEAKAKYLISLARDEYNEPIRTR
VRKSIGRYLTLPYNTRDVKVILPYLKKAINEAYNKVNGIPMRITVIAIMEDLDILSKGKKFKHGISIDNAYKVAEDLLRE
LLVRDKRRNVRRIGVKLDNIIINKTNLSDFFDIGGHHHHHH
;
B,A
2 'polydeoxyribonucleotide' (DA)(DG)(DG)(DG)(DG)(DG)(DA)(DA)(DG)(DC)(DC)(DG) P,C
3 'polydeoxyribonucleotide' (DT)(DT)(DC)(DC)(DG)(DC)(DC)(DC)(DG)(DG)(DC)(DT)(DT)(DC)(DC)(DC)(DC)(DC)(DT) T,D
#
# COMPACT_ATOMS: atom_id res chain seq x y z
N MET A 1 29.99 -11.59 28.37
CA MET A 1 29.44 -11.40 27.04
C MET A 1 28.12 -10.63 27.10
N ILE A 2 28.03 -9.58 26.29
CA ILE A 2 26.84 -8.76 26.17
C ILE A 2 26.32 -8.81 24.73
N VAL A 3 25.12 -9.35 24.56
CA VAL A 3 24.56 -9.62 23.25
C VAL A 3 23.30 -8.81 22.98
N LEU A 4 23.28 -8.16 21.81
CA LEU A 4 22.16 -7.33 21.40
C LEU A 4 21.51 -7.90 20.13
N PHE A 5 20.27 -8.36 20.27
CA PHE A 5 19.51 -8.99 19.21
C PHE A 5 18.54 -7.98 18.62
N VAL A 6 18.50 -7.92 17.29
CA VAL A 6 17.62 -7.03 16.56
C VAL A 6 16.59 -7.79 15.72
N ASP A 7 15.31 -7.51 15.99
CA ASP A 7 14.20 -8.23 15.38
C ASP A 7 13.30 -7.23 14.67
N PHE A 8 13.31 -7.23 13.34
CA PHE A 8 12.58 -6.21 12.61
C PHE A 8 11.10 -6.48 12.81
N ASP A 9 10.34 -5.48 13.26
CA ASP A 9 8.94 -5.71 13.59
C ASP A 9 8.11 -6.02 12.36
N TYR A 10 7.32 -7.09 12.45
CA TYR A 10 6.36 -7.51 11.43
C TYR A 10 6.84 -7.15 10.01
N PHE A 11 8.08 -7.53 9.74
CA PHE A 11 8.89 -6.99 8.66
C PHE A 11 8.17 -6.77 7.32
N TYR A 12 7.74 -7.85 6.68
CA TYR A 12 7.15 -7.76 5.35
C TYR A 12 6.03 -6.72 5.30
N ALA A 13 5.09 -6.83 6.25
CA ALA A 13 3.96 -5.90 6.30
C ALA A 13 4.45 -4.47 6.48
N GLN A 14 5.51 -4.30 7.28
CA GLN A 14 5.99 -2.97 7.62
C GLN A 14 6.67 -2.33 6.42
N VAL A 15 7.37 -3.15 5.64
CA VAL A 15 7.95 -2.68 4.40
C VAL A 15 6.83 -2.27 3.46
N GLU A 16 5.77 -3.06 3.42
CA GLU A 16 4.64 -2.66 2.60
C GLU A 16 4.09 -1.29 3.03
N GLU A 17 4.00 -1.05 4.33
CA GLU A 17 3.51 0.25 4.82
C GLU A 17 4.46 1.39 4.48
N VAL A 18 5.76 1.09 4.45
CA VAL A 18 6.73 2.12 4.07
C VAL A 18 6.58 2.46 2.60
N LEU A 19 6.38 1.44 1.78
CA LEU A 19 6.16 1.67 0.36
C LEU A 19 4.80 2.32 0.12
N ASN A 20 3.90 2.19 1.09
CA ASN A 20 2.54 2.73 0.96
C ASN A 20 1.99 3.23 2.30
N PRO A 21 2.40 4.45 2.69
CA PRO A 21 2.03 5.01 3.99
C PRO A 21 0.51 5.05 4.22
N SER A 22 -0.28 4.88 3.16
CA SER A 22 -1.73 4.87 3.33
C SER A 22 -2.24 3.53 3.88
N LEU A 23 -1.34 2.59 4.14
CA LEU A 23 -1.76 1.32 4.73
C LEU A 23 -1.72 1.38 6.25
N LYS A 24 -0.93 2.30 6.78
CA LYS A 24 -0.67 2.35 8.22
C LYS A 24 -1.96 2.56 9.00
N GLY A 25 -2.18 1.67 9.98
CA GLY A 25 -3.38 1.70 10.81
C GLY A 25 -4.48 0.85 10.20
N LYS A 26 -4.16 0.13 9.14
CA LYS A 26 -5.11 -0.78 8.53
C LYS A 26 -4.57 -2.18 8.65
N PRO A 27 -5.46 -3.18 8.74
CA PRO A 27 -5.02 -4.57 8.73
C PRO A 27 -4.29 -4.89 7.42
N VAL A 28 -3.03 -5.28 7.51
CA VAL A 28 -2.24 -5.67 6.33
C VAL A 28 -1.80 -7.12 6.42
N VAL A 29 -2.14 -7.88 5.38
CA VAL A 29 -1.91 -9.31 5.34
C VAL A 29 -1.05 -9.69 4.13
N VAL A 30 0.25 -9.85 4.34
CA VAL A 30 1.15 -10.31 3.30
C VAL A 30 1.14 -11.83 3.14
N CYS A 31 0.73 -12.28 1.96
CA CYS A 31 0.41 -13.67 1.68
C CYS A 31 1.34 -14.35 0.66
N VAL A 32 1.32 -15.68 0.66
CA VAL A 32 1.93 -16.46 -0.40
C VAL A 32 0.83 -17.09 -1.24
N PHE A 33 0.44 -16.42 -2.30
CA PHE A 33 -0.58 -16.98 -3.18
C PHE A 33 0.02 -18.14 -3.96
N SER A 34 -0.73 -19.23 -4.08
CA SER A 34 -0.25 -20.45 -4.70
C SER A 34 -0.68 -20.55 -6.15
N GLY A 35 -1.58 -19.67 -6.54
CA GLY A 35 -1.98 -19.56 -7.94
C GLY A 35 -2.95 -20.61 -8.41
N ARG A 36 -3.08 -21.69 -7.64
CA ARG A 36 -3.96 -22.80 -8.02
C ARG A 36 -5.40 -22.30 -8.16
N PHE A 37 -6.01 -21.93 -7.03
CA PHE A 37 -7.26 -21.18 -7.07
C PHE A 37 -6.93 -19.75 -6.69
N GLU A 38 -7.86 -18.84 -6.94
CA GLU A 38 -7.78 -17.53 -6.34
C GLU A 38 -7.96 -17.76 -4.84
N ASP A 39 -7.22 -17.01 -4.04
CA ASP A 39 -7.26 -17.13 -2.58
C ASP A 39 -6.62 -18.39 -2.00
N SER A 40 -6.09 -19.28 -2.84
CA SER A 40 -5.39 -20.44 -2.29
C SER A 40 -3.98 -20.03 -1.85
N GLY A 41 -3.48 -20.67 -0.80
CA GLY A 41 -2.17 -20.35 -0.25
C GLY A 41 -2.26 -19.94 1.21
N ALA A 42 -1.16 -19.44 1.74
CA ALA A 42 -1.11 -19.10 3.16
C ALA A 42 -0.66 -17.67 3.42
N VAL A 43 -1.01 -17.20 4.60
CA VAL A 43 -0.57 -15.90 5.09
C VAL A 43 0.91 -16.03 5.44
N ALA A 44 1.70 -15.01 5.15
CA ALA A 44 3.14 -15.05 5.40
C ALA A 44 3.56 -14.15 6.56
N THR A 45 2.95 -12.97 6.62
CA THR A 45 3.23 -12.00 7.69
C THR A 45 2.09 -11.00 7.75
N ALA A 46 1.63 -10.67 8.95
CA ALA A 46 0.55 -9.69 9.11
C ALA A 46 0.92 -8.65 10.17
N ASN A 47 0.46 -7.42 9.99
CA ASN A 47 0.71 -6.39 10.99
C ASN A 47 -0.22 -6.59 12.20
N TYR A 48 -0.04 -5.77 13.23
CA TYR A 48 -0.73 -5.99 14.50
C TYR A 48 -2.22 -5.74 14.40
N GLU A 49 -2.60 -4.87 13.48
CA GLU A 49 -4.01 -4.58 13.28
CA GLU A 49 -4.00 -4.57 13.26
C GLU A 49 -4.73 -5.82 12.75
N ALA A 50 -3.99 -6.67 12.05
CA ALA A 50 -4.52 -7.90 11.50
C ALA A 50 -4.39 -9.03 12.51
N ARG A 51 -3.23 -9.15 13.12
CA ARG A 51 -2.98 -10.28 14.00
C ARG A 51 -3.78 -10.20 15.30
N LYS A 52 -4.22 -9.00 15.66
CA LYS A 52 -5.11 -8.87 16.81
C LYS A 52 -6.46 -9.53 16.55
N PHE A 53 -6.75 -9.88 15.30
CA PHE A 53 -8.02 -10.57 15.00
C PHE A 53 -7.82 -12.03 14.69
N GLY A 54 -6.62 -12.53 14.94
CA GLY A 54 -6.31 -13.91 14.64
C GLY A 54 -5.68 -14.14 13.27
N VAL A 55 -5.64 -13.10 12.44
CA VAL A 55 -5.05 -13.22 11.10
C VAL A 55 -3.54 -13.11 11.22
N LYS A 56 -2.86 -14.26 11.24
CA LYS A 56 -1.39 -14.28 11.39
C LYS A 56 -0.72 -15.29 10.46
N ALA A 57 0.61 -15.38 10.52
CA ALA A 57 1.38 -16.25 9.63
C ALA A 57 1.06 -17.74 9.79
N GLY A 58 0.89 -18.42 8.66
CA GLY A 58 0.60 -19.84 8.65
C GLY A 58 -0.84 -20.20 8.29
N ILE A 59 -1.77 -19.28 8.49
CA ILE A 59 -3.17 -19.64 8.27
C ILE A 59 -3.55 -19.50 6.80
N PRO A 60 -4.46 -20.38 6.33
CA PRO A 60 -4.88 -20.32 4.94
C PRO A 60 -5.47 -18.96 4.62
N ILE A 61 -5.23 -18.46 3.41
CA ILE A 61 -5.70 -17.15 3.01
C ILE A 61 -7.22 -17.03 3.11
N VAL A 62 -7.94 -18.10 2.76
CA VAL A 62 -9.40 -18.05 2.79
C VAL A 62 -9.96 -17.93 4.22
N GLU A 63 -9.18 -18.40 5.18
CA GLU A 63 -9.55 -18.27 6.59
C GLU A 63 -9.38 -16.83 6.99
N ALA A 64 -8.24 -16.27 6.60
CA ALA A 64 -7.96 -14.85 6.81
C ALA A 64 -9.11 -14.01 6.26
N LYS A 65 -9.52 -14.29 5.04
CA LYS A 65 -10.56 -13.51 4.41
C LYS A 65 -11.90 -13.76 5.07
N LYS A 66 -12.07 -14.94 5.64
CA LYS A 66 -13.28 -15.18 6.45
C LYS A 66 -13.32 -14.29 7.69
N ILE A 67 -12.19 -14.17 8.39
CA ILE A 67 -12.09 -13.33 9.59
C ILE A 67 -12.06 -11.84 9.26
N LEU A 68 -11.18 -11.47 8.33
CA LEU A 68 -11.01 -10.07 7.96
C LEU A 68 -11.20 -9.91 6.47
N PRO A 69 -12.45 -9.88 6.02
CA PRO A 69 -12.73 -9.77 4.58
C PRO A 69 -12.37 -8.42 3.95
N ASN A 70 -12.07 -7.40 4.76
CA ASN A 70 -11.76 -6.09 4.18
C ASN A 70 -10.32 -5.63 4.37
N ALA A 71 -9.50 -6.49 4.98
CA ALA A 71 -8.08 -6.18 5.16
C ALA A 71 -7.42 -6.03 3.80
N VAL A 72 -6.20 -5.50 3.82
CA VAL A 72 -5.41 -5.35 2.60
C VAL A 72 -4.54 -6.56 2.41
N TYR A 73 -4.90 -7.40 1.45
CA TYR A 73 -4.11 -8.58 1.14
C TYR A 73 -3.11 -8.32 0.01
N LEU A 74 -1.83 -8.47 0.31
CA LEU A 74 -0.79 -8.23 -0.67
C LEU A 74 0.10 -9.47 -0.83
N PRO A 75 0.52 -9.74 -2.06
CA PRO A 75 1.38 -10.89 -2.31
C PRO A 75 2.80 -10.60 -1.85
N MET A 76 3.54 -11.67 -1.61
CA MET A 76 4.95 -11.63 -1.27
C MET A 76 5.72 -10.79 -2.29
N ARG A 77 6.58 -9.90 -1.79
CA ARG A 77 7.53 -9.16 -2.61
C ARG A 77 8.89 -9.34 -1.99
N LYS A 78 9.41 -10.55 -2.07
CA LYS A 78 10.59 -10.90 -1.28
C LYS A 78 11.87 -10.16 -1.70
N GLU A 79 12.01 -9.85 -3.00
CA GLU A 79 13.18 -9.12 -3.50
C GLU A 79 13.32 -7.72 -2.86
N VAL A 80 12.19 -7.03 -2.75
CA VAL A 80 12.12 -5.77 -2.03
C VAL A 80 12.48 -5.94 -0.54
N TYR A 81 11.79 -6.85 0.13
CA TYR A 81 12.00 -7.07 1.55
C TYR A 81 13.49 -7.37 1.80
N GLN A 82 14.09 -8.09 0.87
CA GLN A 82 15.46 -8.54 1.00
C GLN A 82 16.44 -7.39 0.76
N GLN A 83 16.10 -6.50 -0.17
CA GLN A 83 16.90 -5.29 -0.36
C GLN A 83 16.90 -4.43 0.91
N VAL A 84 15.70 -4.12 1.39
CA VAL A 84 15.56 -3.36 2.63
C VAL A 84 16.39 -3.99 3.74
N SER A 85 16.21 -5.30 3.90
CA SER A 85 16.89 -6.03 4.95
C SER A 85 18.40 -5.98 4.84
N SER A 86 18.93 -6.15 3.62
CA SER A 86 20.38 -6.06 3.43
C SER A 86 20.86 -4.69 3.83
N ARG A 87 20.07 -3.67 3.51
CA ARG A 87 20.47 -2.32 3.93
C ARG A 87 20.51 -2.20 5.45
N ILE A 88 19.47 -2.68 6.13
CA ILE A 88 19.44 -2.59 7.59
C ILE A 88 20.60 -3.37 8.20
N MET A 89 20.92 -4.51 7.60
CA MET A 89 22.01 -5.36 8.10
C MET A 89 23.34 -4.64 7.96
N ASN A 90 23.57 -4.03 6.79
CA ASN A 90 24.79 -3.27 6.58
C ASN A 90 24.88 -2.14 7.59
N LEU A 91 23.74 -1.49 7.80
CA LEU A 91 23.60 -0.45 8.81
C LEU A 91 24.02 -1.01 10.18
N LEU A 92 23.65 -2.26 10.45
CA LEU A 92 23.95 -2.89 11.73
C LEU A 92 25.44 -3.20 11.84
N ARG A 93 26.08 -3.40 10.70
CA ARG A 93 27.50 -3.74 10.70
C ARG A 93 28.37 -2.61 11.22
N GLU A 94 27.84 -1.38 11.23
CA GLU A 94 28.62 -0.26 11.75
C GLU A 94 28.79 -0.34 13.26
N TYR A 95 27.83 -0.97 13.93
CA TYR A 95 27.85 -1.08 15.38
C TYR A 95 28.64 -2.28 15.92
N SER A 96 28.89 -3.27 15.06
CA SER A 96 29.74 -4.39 15.44
C SER A 96 30.14 -5.21 14.23
N GLU A 97 31.28 -5.88 14.31
CA GLU A 97 31.69 -6.80 13.26
C GLU A 97 31.29 -8.22 13.63
N LYS A 98 31.37 -8.53 14.92
CA LYS A 98 30.86 -9.79 15.43
C LYS A 98 29.34 -9.77 15.32
N ILE A 99 28.85 -10.13 14.15
CA ILE A 99 27.43 -10.08 13.87
C ILE A 99 26.96 -11.34 13.17
N GLU A 100 25.80 -11.85 13.60
CA GLU A 100 25.24 -13.05 13.04
C GLU A 100 23.89 -12.73 12.43
N ILE A 101 23.82 -12.75 11.11
CA ILE A 101 22.58 -12.47 10.40
C ILE A 101 21.71 -13.74 10.46
N ALA A 102 20.94 -13.88 11.54
CA ALA A 102 20.20 -15.10 11.81
C ALA A 102 19.13 -15.42 10.77
N SER A 103 18.57 -14.38 10.16
CA SER A 103 17.57 -14.53 9.10
C SER A 103 17.25 -13.17 8.47
N ILE A 104 16.29 -13.15 7.53
CA ILE A 104 15.97 -11.91 6.82
C ILE A 104 15.61 -10.75 7.74
N ASP A 105 15.09 -11.05 8.93
CA ASP A 105 14.65 -9.99 9.85
C ASP A 105 15.16 -10.14 11.28
N GLU A 106 16.25 -10.87 11.46
CA GLU A 106 16.80 -11.12 12.78
C GLU A 106 18.31 -11.08 12.71
N ALA A 107 18.96 -10.38 13.64
CA ALA A 107 20.42 -10.37 13.66
C ALA A 107 20.98 -10.18 15.06
N TYR A 108 22.04 -10.95 15.37
CA TYR A 108 22.68 -10.90 16.68
C TYR A 108 23.99 -10.11 16.63
N LEU A 109 24.21 -9.27 17.64
CA LEU A 109 25.46 -8.53 17.74
C LEU A 109 26.17 -8.78 19.06
N ASP A 110 27.43 -9.17 18.97
CA ASP A 110 28.29 -9.26 20.14
C ASP A 110 28.92 -7.90 20.37
N ILE A 111 28.38 -7.14 21.31
CA ILE A 111 28.89 -5.81 21.61
C ILE A 111 29.73 -5.80 22.88
N SER A 112 30.16 -6.98 23.32
CA SER A 112 30.88 -7.15 24.59
C SER A 112 32.05 -6.21 24.76
N ASP A 113 33.08 -6.38 23.93
CA ASP A 113 34.28 -5.54 24.01
C ASP A 113 34.05 -4.18 23.35
N LYS A 114 32.79 -3.74 23.35
CA LYS A 114 32.40 -2.48 22.73
C LYS A 114 31.42 -1.66 23.57
N VAL A 115 31.10 -2.11 24.79
CA VAL A 115 30.28 -1.32 25.73
C VAL A 115 30.73 -1.37 27.20
N ARG A 116 30.82 -2.58 27.76
CA ARG A 116 31.26 -2.81 29.14
C ARG A 116 30.33 -2.13 30.16
N ASP A 117 29.13 -2.71 30.29
CA ASP A 117 27.99 -2.23 31.09
C ASP A 117 26.71 -2.47 30.29
N TYR A 118 25.59 -2.69 30.99
CA TYR A 118 24.28 -2.82 30.34
C TYR A 118 23.63 -1.49 30.01
N ARG A 119 24.02 -0.41 30.68
CA ARG A 119 23.47 0.91 30.32
C ARG A 119 23.87 1.31 28.91
N GLU A 120 25.17 1.31 28.64
CA GLU A 120 25.70 1.55 27.31
C GLU A 120 24.96 0.68 26.30
N ALA A 121 24.73 -0.58 26.66
CA ALA A 121 24.02 -1.50 25.79
C ALA A 121 22.62 -0.98 25.43
N TYR A 122 21.85 -0.59 26.44
CA TYR A 122 20.50 -0.05 26.23
C TYR A 122 20.53 1.18 25.34
N ASN A 123 21.37 2.14 25.71
CA ASN A 123 21.51 3.38 24.97
C ASN A 123 21.88 3.15 23.50
N LEU A 124 22.74 2.17 23.28
CA LEU A 124 23.20 1.79 21.95
C LEU A 124 22.06 1.14 21.19
N GLY A 125 21.21 0.43 21.91
CA GLY A 125 20.02 -0.15 21.32
C GLY A 125 19.06 0.94 20.86
N LEU A 126 18.92 1.99 21.66
CA LEU A 126 18.11 3.14 21.26
C LEU A 126 18.72 3.87 20.06
N GLU A 127 20.03 3.97 20.06
CA GLU A 127 20.74 4.59 18.95
C GLU A 127 20.47 3.81 17.66
N ILE A 128 20.60 2.50 17.75
CA ILE A 128 20.38 1.62 16.62
C ILE A 128 18.94 1.78 16.13
N LYS A 129 17.98 1.73 17.05
CA LYS A 129 16.57 1.87 16.69
C LYS A 129 16.30 3.20 15.98
N ASN A 130 16.81 4.29 16.55
CA ASN A 130 16.61 5.61 15.98
C ASN A 130 17.21 5.72 14.60
N LYS A 131 18.39 5.12 14.42
CA LYS A 131 19.09 5.12 13.14
C LYS A 131 18.27 4.37 12.10
N ILE A 132 17.81 3.18 12.46
CA ILE A 132 17.09 2.34 11.51
C ILE A 132 15.78 2.98 11.10
N LEU A 133 15.06 3.52 12.08
CA LEU A 133 13.84 4.28 11.80
C LEU A 133 14.12 5.48 10.90
N GLU A 134 15.23 6.16 11.15
CA GLU A 134 15.59 7.36 10.39
C GLU A 134 15.90 7.05 8.92
N LYS A 135 16.66 5.99 8.68
CA LYS A 135 17.16 5.71 7.35
C LYS A 135 16.26 4.82 6.50
N GLU A 136 15.59 3.86 7.15
CA GLU A 136 14.74 2.88 6.45
C GLU A 136 13.27 2.92 6.85
N LYS A 137 12.92 3.81 7.78
CA LYS A 137 11.51 4.04 8.13
C LYS A 137 10.79 2.81 8.76
N ILE A 138 11.56 1.85 9.28
CA ILE A 138 10.95 0.69 9.94
C ILE A 138 11.33 0.58 11.42
N THR A 139 10.36 0.21 12.26
CA THR A 139 10.62 -0.01 13.67
C THR A 139 11.11 -1.44 13.95
N VAL A 140 12.12 -1.54 14.83
CA VAL A 140 12.64 -2.83 15.23
C VAL A 140 12.47 -3.05 16.73
N THR A 141 12.72 -4.26 17.19
CA THR A 141 12.75 -4.53 18.62
C THR A 141 14.13 -5.04 18.99
N VAL A 142 14.72 -4.42 20.00
CA VAL A 142 16.04 -4.77 20.48
C VAL A 142 15.95 -5.53 21.80
N GLY A 143 16.63 -6.67 21.86
CA GLY A 143 16.76 -7.40 23.11
C GLY A 143 18.21 -7.46 23.53
N ILE A 144 18.51 -7.25 24.81
CA ILE A 144 19.89 -7.29 25.25
C ILE A 144 20.04 -8.17 26.45
N SER A 145 20.99 -9.11 26.40
CA SER A 145 21.25 -9.98 27.56
C SER A 145 22.63 -10.62 27.54
N LYS A 146 22.81 -11.65 28.37
CA LYS A 146 24.11 -12.29 28.57
C LYS A 146 24.45 -13.33 27.50
N ASN A 147 23.48 -13.63 26.65
CA ASN A 147 23.68 -14.56 25.53
C ASN A 147 22.64 -14.39 24.42
N LYS A 148 22.82 -15.13 23.33
CA LYS A 148 21.91 -15.07 22.18
C LYS A 148 20.46 -15.40 22.56
N VAL A 149 20.28 -16.50 23.29
CA VAL A 149 18.94 -16.99 23.67
C VAL A 149 18.13 -16.01 24.50
N PHE A 150 18.79 -15.39 25.47
CA PHE A 150 18.07 -14.46 26.35
C PHE A 150 17.91 -13.08 25.71
N ALA A 151 18.77 -12.79 24.75
CA ALA A 151 18.60 -11.58 23.97
C ALA A 151 17.31 -11.77 23.20
N LYS A 152 17.18 -12.95 22.59
CA LYS A 152 15.98 -13.20 21.79
C LYS A 152 14.74 -13.20 22.66
N ILE A 153 14.84 -13.79 23.85
CA ILE A 153 13.71 -13.74 24.78
C ILE A 153 13.33 -12.31 25.14
N ALA A 154 14.33 -11.47 25.37
CA ALA A 154 14.10 -10.06 25.65
C ALA A 154 13.30 -9.40 24.52
N ALA A 155 13.78 -9.60 23.29
CA ALA A 155 13.05 -9.08 22.12
C ALA A 155 11.62 -9.59 22.08
N ASP A 156 11.43 -10.89 22.27
CA ASP A 156 10.11 -11.50 22.29
C ASP A 156 9.19 -10.84 23.33
N MET A 157 9.76 -10.47 24.47
CA MET A 157 9.00 -9.83 25.52
C MET A 157 8.65 -8.37 25.17
N ALA A 158 9.52 -7.70 24.42
CA ALA A 158 9.29 -6.27 24.16
C ALA A 158 8.62 -5.88 22.82
N LYS A 159 8.41 -6.86 21.92
CA LYS A 159 7.72 -6.64 20.65
C LYS A 159 6.36 -5.99 20.84
N PRO A 160 5.96 -5.07 19.93
CA PRO A 160 6.76 -4.44 18.88
C PRO A 160 7.35 -3.12 19.33
N ASN A 161 8.29 -2.58 18.55
CA ASN A 161 8.94 -1.31 18.85
C ASN A 161 9.38 -1.16 20.29
N GLY A 162 10.02 -2.19 20.80
CA GLY A 162 10.46 -2.16 22.18
C GLY A 162 11.96 -2.25 22.31
N ILE A 163 12.40 -2.18 23.56
CA ILE A 163 13.79 -2.36 23.91
C ILE A 163 13.71 -3.03 25.28
N LYS A 164 14.51 -4.06 25.50
CA LYS A 164 14.49 -4.75 26.79
C LYS A 164 15.83 -5.37 27.15
N VAL A 165 16.26 -5.11 28.38
CA VAL A 165 17.43 -5.75 28.94
C VAL A 165 16.97 -6.84 29.91
N ILE A 166 17.63 -7.99 29.86
CA ILE A 166 17.44 -9.05 30.84
C ILE A 166 18.75 -9.23 31.61
N ASP A 167 18.86 -8.55 32.76
CA ASP A 167 20.05 -8.65 33.60
C ASP A 167 20.20 -10.06 34.15
N ASP A 168 21.33 -10.33 34.80
CA ASP A 168 21.61 -11.66 35.35
C ASP A 168 20.50 -12.17 36.27
N GLU A 169 20.04 -11.31 37.18
CA GLU A 169 18.99 -11.66 38.13
C GLU A 169 17.69 -12.06 37.43
N GLU A 170 17.26 -11.26 36.46
CA GLU A 170 16.08 -11.61 35.70
C GLU A 170 16.29 -12.90 34.91
N VAL A 171 17.53 -13.21 34.55
CA VAL A 171 17.82 -14.50 33.91
C VAL A 171 17.52 -15.62 34.91
N LYS A 172 18.03 -15.44 36.13
CA LYS A 172 17.78 -16.36 37.23
C LYS A 172 16.28 -16.61 37.41
N ARG A 173 15.50 -15.54 37.41
CA ARG A 173 14.04 -15.67 37.56
C ARG A 173 13.40 -16.35 36.36
N LEU A 174 13.91 -16.05 35.18
CA LEU A 174 13.37 -16.56 33.92
C LEU A 174 13.54 -18.06 33.81
N ILE A 175 14.72 -18.56 34.18
CA ILE A 175 14.98 -19.99 34.23
C ILE A 175 13.87 -20.71 34.99
N ARG A 176 13.30 -20.01 35.97
CA ARG A 176 12.30 -20.60 36.85
C ARG A 176 10.85 -20.37 36.37
N GLU A 177 10.57 -19.23 35.75
CA GLU A 177 9.19 -18.86 35.42
C GLU A 177 8.80 -18.90 33.94
N LEU A 178 9.80 -19.00 33.06
CA LEU A 178 9.54 -18.95 31.62
C LEU A 178 9.15 -20.31 31.04
N ASP A 179 7.97 -20.36 30.42
CA ASP A 179 7.46 -21.59 29.81
C ASP A 179 8.47 -22.14 28.83
N ILE A 180 8.65 -23.46 28.86
CA ILE A 180 9.49 -24.16 27.89
C ILE A 180 9.14 -23.74 26.46
N ALA A 181 7.85 -23.55 26.20
CA ALA A 181 7.36 -23.25 24.85
C ALA A 181 7.84 -21.89 24.36
N ASP A 182 8.19 -21.01 25.28
CA ASP A 182 8.68 -19.69 24.94
C ASP A 182 10.19 -19.69 24.76
N VAL A 183 10.83 -20.85 24.95
CA VAL A 183 12.27 -20.93 24.72
C VAL A 183 12.58 -20.97 23.22
N PRO A 184 13.42 -20.05 22.74
CA PRO A 184 13.81 -20.03 21.33
C PRO A 184 14.34 -21.38 20.89
N GLY A 185 13.93 -21.82 19.71
CA GLY A 185 14.36 -23.10 19.16
C GLY A 185 13.45 -24.24 19.55
N ILE A 186 12.51 -23.97 20.46
CA ILE A 186 11.61 -24.99 20.96
C ILE A 186 10.21 -24.76 20.44
N GLY A 187 9.74 -25.68 19.60
CA GLY A 187 8.44 -25.55 18.96
C GLY A 187 7.36 -26.39 19.63
N ASN A 188 6.19 -26.41 19.00
CA ASN A 188 5.04 -27.05 19.59
C ASN A 188 5.19 -28.56 19.76
N ILE A 189 5.97 -29.21 18.91
CA ILE A 189 6.14 -30.66 19.01
C ILE A 189 6.88 -31.01 20.30
N THR A 190 8.03 -30.37 20.47
CA THR A 190 8.86 -30.58 21.64
C THR A 190 8.11 -30.17 22.90
N ALA A 191 7.52 -28.98 22.86
CA ALA A 191 6.77 -28.45 23.97
C ALA A 191 5.63 -29.37 24.39
N GLU A 192 4.97 -30.00 23.42
CA GLU A 192 3.89 -30.93 23.74
C GLU A 192 4.43 -32.20 24.41
N LYS A 193 5.48 -32.77 23.81
CA LYS A 193 6.10 -33.94 24.43
C LYS A 193 6.46 -33.67 25.89
N LEU A 194 7.15 -32.56 26.14
CA LEU A 194 7.56 -32.23 27.49
C LEU A 194 6.37 -31.95 28.41
N LYS A 195 5.37 -31.25 27.88
CA LYS A 195 4.18 -30.87 28.65
C LYS A 195 3.46 -32.12 29.14
N LYS A 196 3.45 -33.18 28.33
CA LYS A 196 2.82 -34.42 28.75
C LYS A 196 3.36 -34.93 30.08
N LEU A 197 4.64 -34.68 30.34
CA LEU A 197 5.27 -35.19 31.56
C LEU A 197 5.53 -34.14 32.64
N GLY A 198 4.71 -33.10 32.67
CA GLY A 198 4.83 -32.08 33.70
C GLY A 198 6.06 -31.21 33.57
N ILE A 199 6.76 -31.30 32.44
CA ILE A 199 7.91 -30.44 32.19
C ILE A 199 7.42 -29.15 31.51
N ASN A 200 7.35 -28.08 32.28
CA ASN A 200 6.71 -26.84 31.83
C ASN A 200 7.66 -25.63 31.76
N LYS A 201 8.66 -25.60 32.65
CA LYS A 201 9.61 -24.49 32.70
C LYS A 201 11.01 -25.02 32.42
N LEU A 202 11.96 -24.11 32.22
CA LEU A 202 13.34 -24.53 31.94
C LEU A 202 13.91 -25.39 33.06
N VAL A 203 13.76 -24.91 34.29
CA VAL A 203 14.27 -25.59 35.47
C VAL A 203 13.70 -27.00 35.58
N ASP A 204 12.50 -27.18 35.06
CA ASP A 204 11.83 -28.48 35.08
C ASP A 204 12.67 -29.55 34.40
N THR A 205 13.36 -29.19 33.33
CA THR A 205 14.16 -30.16 32.58
C THR A 205 15.30 -30.74 33.41
N LEU A 206 15.58 -30.11 34.55
CA LEU A 206 16.62 -30.61 35.43
C LEU A 206 16.10 -31.75 36.30
N SER A 207 14.80 -31.75 36.55
CA SER A 207 14.19 -32.69 37.50
C SER A 207 14.14 -34.09 36.93
N ILE A 208 14.30 -34.20 35.62
CA ILE A 208 14.17 -35.48 34.95
C ILE A 208 15.54 -36.00 34.50
N GLU A 209 15.71 -37.31 34.64
CA GLU A 209 16.93 -38.00 34.22
C GLU A 209 17.28 -37.70 32.76
N PHE A 210 18.55 -37.42 32.52
CA PHE A 210 18.99 -37.02 31.20
C PHE A 210 18.53 -37.97 30.10
N ASP A 211 18.77 -39.27 30.29
CA ASP A 211 18.44 -40.29 29.29
C ASP A 211 16.96 -40.27 28.91
N LYS A 212 16.11 -39.90 29.86
CA LYS A 212 14.67 -39.90 29.61
C LYS A 212 14.29 -38.68 28.79
N LEU A 213 14.85 -37.53 29.17
CA LEU A 213 14.69 -36.29 28.42
C LEU A 213 15.12 -36.48 26.97
N LYS A 214 16.32 -37.04 26.79
CA LYS A 214 16.87 -37.33 25.48
C LYS A 214 15.93 -38.27 24.74
N GLY A 215 15.44 -39.28 25.44
CA GLY A 215 14.48 -40.22 24.86
C GLY A 215 13.18 -39.56 24.39
N MET A 216 12.82 -38.44 25.00
CA MET A 216 11.61 -37.74 24.60
C MET A 216 11.87 -36.78 23.44
N ILE A 217 12.88 -35.93 23.56
CA ILE A 217 13.07 -34.82 22.61
C ILE A 217 14.36 -34.86 21.78
N GLY A 218 15.17 -35.89 21.97
CA GLY A 218 16.43 -35.98 21.27
C GLY A 218 17.55 -35.36 22.07
N GLU A 219 18.76 -35.90 21.89
CA GLU A 219 19.97 -35.40 22.55
C GLU A 219 20.20 -33.90 22.40
N ALA A 220 20.06 -33.38 21.19
CA ALA A 220 20.40 -31.98 20.90
C ALA A 220 19.65 -31.02 21.82
N LYS A 221 18.34 -30.96 21.64
CA LYS A 221 17.53 -30.03 22.42
C LYS A 221 17.60 -30.34 23.92
N ALA A 222 17.91 -31.58 24.28
CA ALA A 222 18.02 -31.93 25.69
C ALA A 222 19.24 -31.22 26.29
N LYS A 223 20.38 -31.39 25.62
CA LYS A 223 21.61 -30.67 25.98
C LYS A 223 21.36 -29.16 26.02
N TYR A 224 20.61 -28.67 25.05
CA TYR A 224 20.35 -27.23 24.91
C TYR A 224 19.57 -26.72 26.12
N LEU A 225 18.36 -27.24 26.28
CA LEU A 225 17.48 -26.90 27.39
C LEU A 225 18.19 -26.97 28.72
N ILE A 226 18.84 -28.10 29.00
CA ILE A 226 19.58 -28.27 30.25
C ILE A 226 20.62 -27.17 30.44
N SER A 227 21.45 -26.92 29.43
CA SER A 227 22.50 -25.89 29.57
C SER A 227 21.89 -24.51 29.84
N LEU A 228 20.73 -24.24 29.26
CA LEU A 228 20.03 -22.99 29.54
C LEU A 228 19.60 -22.94 31.00
N ALA A 229 18.94 -24.00 31.46
CA ALA A 229 18.39 -24.04 32.83
C ALA A 229 19.50 -23.99 33.87
N ARG A 230 20.70 -24.40 33.47
CA ARG A 230 21.85 -24.33 34.36
C ARG A 230 22.54 -22.97 34.21
N ASP A 231 22.06 -22.19 33.25
CA ASP A 231 22.66 -20.89 32.94
C ASP A 231 24.11 -21.04 32.54
N GLU A 232 24.37 -22.00 31.64
CA GLU A 232 25.72 -22.24 31.13
C GLU A 232 25.79 -22.14 29.61
N TYR A 233 24.79 -21.49 29.01
CA TYR A 233 24.80 -21.27 27.56
C TYR A 233 25.86 -20.23 27.22
N ASN A 234 26.96 -20.69 26.64
CA ASN A 234 28.08 -19.81 26.32
C ASN A 234 28.30 -19.61 24.81
N GLU A 235 27.33 -20.07 24.01
CA GLU A 235 27.44 -20.05 22.55
C GLU A 235 27.70 -18.68 21.94
N PRO A 236 28.72 -18.59 21.06
CA PRO A 236 29.22 -17.34 20.47
C PRO A 236 28.50 -16.94 19.20
N ILE A 237 28.74 -15.70 18.78
CA ILE A 237 28.15 -15.15 17.56
C ILE A 237 28.87 -15.73 16.35
N ARG A 238 28.20 -16.60 15.61
CA ARG A 238 28.79 -17.21 14.43
C ARG A 238 28.35 -16.45 13.19
N THR A 239 29.31 -16.01 12.39
CA THR A 239 29.03 -15.09 11.30
C THR A 239 28.44 -15.77 10.07
N ARG A 240 27.10 -15.72 9.96
CA ARG A 240 26.36 -16.13 8.75
C ARG A 240 26.43 -17.62 8.36
N VAL A 241 26.78 -17.87 7.09
CA VAL A 241 26.91 -19.22 6.50
C VAL A 241 25.57 -19.98 6.35
N ARG A 242 24.47 -19.24 6.23
CA ARG A 242 23.13 -19.85 6.17
C ARG A 242 22.83 -20.47 4.81
N LYS A 243 23.75 -21.27 4.30
CA LYS A 243 23.81 -21.59 2.87
C LYS A 243 22.67 -22.45 2.34
N SER A 244 21.42 -22.04 2.59
CA SER A 244 20.27 -22.69 1.96
C SER A 244 19.36 -21.69 1.26
N ILE A 245 19.19 -21.90 -0.04
CA ILE A 245 18.29 -21.09 -0.85
C ILE A 245 17.34 -22.02 -1.57
N GLY A 246 16.04 -21.81 -1.42
CA GLY A 246 15.10 -22.75 -1.99
C GLY A 246 14.10 -22.08 -2.90
N ARG A 247 13.39 -22.89 -3.68
CA ARG A 247 12.31 -22.36 -4.50
C ARG A 247 11.29 -23.45 -4.80
N TYR A 248 10.02 -23.14 -4.57
CA TYR A 248 8.96 -24.13 -4.64
C TYR A 248 7.79 -23.60 -5.44
N LEU A 249 7.22 -24.47 -6.27
CA LEU A 249 6.07 -24.12 -7.08
C LEU A 249 5.00 -25.19 -6.94
N THR A 250 3.74 -24.76 -6.87
CA THR A 250 2.63 -25.71 -6.85
C THR A 250 2.19 -26.08 -8.27
N LEU A 251 2.21 -27.37 -8.57
CA LEU A 251 1.83 -27.88 -9.88
C LEU A 251 0.39 -27.49 -10.21
N PRO A 252 0.04 -27.42 -11.52
CA PRO A 252 -1.33 -27.02 -11.90
C PRO A 252 -2.33 -28.10 -11.50
N TYR A 253 -1.83 -29.32 -11.36
CA TYR A 253 -2.59 -30.39 -10.75
C TYR A 253 -1.62 -31.42 -10.20
N ASN A 254 -2.13 -32.37 -9.42
CA ASN A 254 -1.30 -33.46 -8.95
C ASN A 254 -1.05 -34.45 -10.07
N THR A 255 0.17 -34.96 -10.15
CA THR A 255 0.59 -35.78 -11.28
C THR A 255 1.88 -36.55 -11.01
N ARG A 256 2.12 -37.59 -11.80
CA ARG A 256 3.37 -38.34 -11.74
C ARG A 256 4.08 -38.24 -13.08
N ASP A 257 3.55 -37.39 -13.95
CA ASP A 257 4.07 -37.29 -15.31
C ASP A 257 5.24 -36.33 -15.30
N VAL A 258 6.45 -36.85 -15.47
CA VAL A 258 7.66 -36.03 -15.48
C VAL A 258 7.56 -34.96 -16.55
N LYS A 259 6.84 -35.27 -17.64
CA LYS A 259 6.63 -34.33 -18.72
C LYS A 259 5.90 -33.08 -18.21
N VAL A 260 5.12 -33.22 -17.15
CA VAL A 260 4.45 -32.08 -16.55
C VAL A 260 5.34 -31.47 -15.47
N ILE A 261 5.96 -32.32 -14.67
CA ILE A 261 6.66 -31.88 -13.48
C ILE A 261 7.94 -31.12 -13.79
N LEU A 262 8.83 -31.76 -14.56
CA LEU A 262 10.11 -31.18 -14.96
C LEU A 262 10.10 -29.69 -15.40
N PRO A 263 9.13 -29.30 -16.25
CA PRO A 263 9.06 -27.87 -16.59
C PRO A 263 9.00 -26.95 -15.37
N TYR A 264 8.11 -27.25 -14.43
CA TYR A 264 7.95 -26.41 -13.24
C TYR A 264 9.19 -26.45 -12.37
N LEU A 265 9.82 -27.62 -12.31
CA LEU A 265 11.08 -27.79 -11.59
C LEU A 265 12.22 -26.92 -12.14
N LYS A 266 12.35 -26.87 -13.47
CA LYS A 266 13.34 -26.00 -14.11
C LYS A 266 13.14 -24.52 -13.77
N LYS A 267 11.92 -24.02 -13.91
CA LYS A 267 11.66 -22.62 -13.55
C LYS A 267 12.03 -22.34 -12.10
N ALA A 268 11.75 -23.31 -11.23
CA ALA A 268 12.09 -23.23 -9.81
C ALA A 268 13.59 -23.07 -9.65
N ILE A 269 14.34 -23.90 -10.38
CA ILE A 269 15.79 -23.87 -10.37
C ILE A 269 16.27 -22.54 -10.89
N ASN A 270 15.64 -22.08 -11.97
CA ASN A 270 15.94 -20.78 -12.55
C ASN A 270 15.83 -19.65 -11.53
N GLU A 271 14.65 -19.51 -10.92
CA GLU A 271 14.45 -18.45 -9.95
C GLU A 271 15.30 -18.66 -8.70
N ALA A 272 15.57 -19.93 -8.38
CA ALA A 272 16.47 -20.21 -7.26
C ALA A 272 17.86 -19.67 -7.55
N TYR A 273 18.34 -19.92 -8.77
CA TYR A 273 19.70 -19.54 -9.11
C TYR A 273 19.98 -18.04 -9.10
N ASN A 274 19.00 -17.22 -9.44
CA ASN A 274 19.27 -15.79 -9.44
C ASN A 274 18.99 -15.10 -8.12
N LYS A 275 18.45 -15.87 -7.16
CA LYS A 275 18.24 -15.40 -5.80
C LYS A 275 19.53 -15.47 -5.00
N VAL A 276 20.44 -16.34 -5.45
CA VAL A 276 21.64 -16.64 -4.70
C VAL A 276 22.85 -15.87 -5.23
N ASN A 277 23.66 -15.35 -4.32
CA ASN A 277 24.85 -14.62 -4.70
C ASN A 277 26.09 -15.52 -4.58
N GLY A 278 26.08 -16.61 -5.32
CA GLY A 278 27.19 -17.55 -5.28
C GLY A 278 26.83 -18.86 -5.96
N ILE A 279 27.70 -19.86 -5.83
CA ILE A 279 27.47 -21.12 -6.53
C ILE A 279 27.23 -22.30 -5.57
N PRO A 280 26.12 -23.02 -5.77
CA PRO A 280 25.82 -24.17 -4.90
C PRO A 280 26.67 -25.38 -5.27
N MET A 281 27.22 -26.05 -4.28
CA MET A 281 27.97 -27.29 -4.51
C MET A 281 27.08 -28.50 -4.30
N ARG A 282 25.83 -28.23 -3.89
CA ARG A 282 24.87 -29.30 -3.62
C ARG A 282 23.50 -28.88 -4.04
N ILE A 283 22.79 -29.78 -4.70
CA ILE A 283 21.43 -29.47 -5.11
C ILE A 283 20.51 -30.59 -4.63
N THR A 284 19.37 -30.19 -4.10
CA THR A 284 18.40 -31.14 -3.63
C THR A 284 17.09 -30.85 -4.34
N VAL A 285 16.46 -31.88 -4.87
CA VAL A 285 15.11 -31.74 -5.37
C VAL A 285 14.12 -32.15 -4.27
N ILE A 286 13.04 -31.39 -4.14
CA ILE A 286 12.07 -31.59 -3.08
C ILE A 286 10.63 -31.69 -3.60
N ALA A 287 9.99 -32.84 -3.40
CA ALA A 287 8.61 -33.06 -3.86
C ALA A 287 7.63 -33.12 -2.71
N ILE A 288 6.64 -32.24 -2.75
CA ILE A 288 5.54 -32.33 -1.80
C ILE A 288 4.45 -33.18 -2.42
N MET A 289 4.13 -34.31 -1.80
CA MET A 289 3.20 -35.27 -2.37
C MET A 289 1.72 -34.93 -2.11
N GLU A 290 0.82 -35.73 -2.67
CA GLU A 290 -0.61 -35.49 -2.58
C GLU A 290 -1.15 -35.61 -1.17
N ASP A 291 -0.52 -36.44 -0.34
CA ASP A 291 -0.91 -36.55 1.05
C ASP A 291 -0.08 -35.57 1.87
N LEU A 292 0.54 -34.62 1.16
CA LEU A 292 1.33 -33.54 1.77
C LEU A 292 2.64 -34.00 2.41
N ASP A 293 2.99 -35.27 2.22
CA ASP A 293 4.26 -35.81 2.67
C ASP A 293 5.36 -35.32 1.72
N ILE A 294 6.58 -35.19 2.23
CA ILE A 294 7.69 -34.56 1.51
C ILE A 294 8.88 -35.49 1.28
N LEU A 295 9.32 -35.57 0.03
CA LEU A 295 10.45 -36.42 -0.36
C LEU A 295 11.61 -35.57 -0.88
N SER A 296 12.83 -35.92 -0.49
CA SER A 296 13.99 -35.14 -0.92
C SER A 296 14.99 -36.09 -1.48
N LYS A 297 15.62 -35.68 -2.58
CA LYS A 297 16.79 -36.41 -3.05
C LYS A 297 17.79 -35.41 -3.57
N GLY A 298 19.00 -35.50 -3.06
CA GLY A 298 20.02 -34.49 -3.33
C GLY A 298 21.35 -35.08 -3.71
N LYS A 299 22.23 -34.23 -4.23
CA LYS A 299 23.55 -34.65 -4.68
C LYS A 299 24.54 -33.51 -4.49
N LYS A 300 25.72 -33.82 -3.98
CA LYS A 300 26.75 -32.83 -3.77
C LYS A 300 27.97 -33.20 -4.61
N PHE A 301 28.68 -32.18 -5.10
CA PHE A 301 29.86 -32.39 -5.91
C PHE A 301 31.00 -31.71 -5.19
N LYS A 302 32.22 -31.96 -5.61
CA LYS A 302 33.35 -31.22 -5.06
C LYS A 302 33.59 -29.91 -5.81
N HIS A 303 32.71 -29.59 -6.77
CA HIS A 303 32.80 -28.33 -7.52
C HIS A 303 31.43 -27.65 -7.57
N GLY A 304 31.39 -26.45 -8.10
CA GLY A 304 30.13 -25.73 -8.26
C GLY A 304 29.21 -26.37 -9.29
N ILE A 305 27.91 -26.15 -9.12
CA ILE A 305 26.91 -26.62 -10.05
C ILE A 305 26.40 -25.48 -10.92
N SER A 306 26.81 -25.48 -12.18
CA SER A 306 26.31 -24.54 -13.18
C SER A 306 24.82 -24.75 -13.34
N ILE A 307 24.09 -23.74 -13.79
CA ILE A 307 22.65 -23.89 -13.94
C ILE A 307 22.29 -25.01 -14.95
N ASP A 308 23.06 -25.12 -16.02
CA ASP A 308 22.78 -26.14 -17.01
C ASP A 308 22.94 -27.56 -16.52
N ASN A 309 23.92 -27.87 -15.68
CA ASN A 309 23.80 -29.19 -15.09
C ASN A 309 22.88 -29.26 -13.90
N ALA A 310 22.51 -28.12 -13.31
CA ALA A 310 21.50 -28.14 -12.27
C ALA A 310 20.24 -28.72 -12.89
N TYR A 311 19.93 -28.33 -14.12
CA TYR A 311 18.78 -28.93 -14.85
C TYR A 311 18.87 -30.45 -14.97
N LYS A 312 20.02 -30.94 -15.43
CA LYS A 312 20.24 -32.36 -15.69
C LYS A 312 20.20 -33.20 -14.42
N VAL A 313 21.02 -32.78 -13.45
CA VAL A 313 21.09 -33.39 -12.14
C VAL A 313 19.71 -33.43 -11.50
N ALA A 314 19.01 -32.31 -11.51
CA ALA A 314 17.71 -32.22 -10.86
C ALA A 314 16.71 -33.11 -11.57
N GLU A 315 16.85 -33.27 -12.87
CA GLU A 315 15.99 -34.18 -13.59
C GLU A 315 16.26 -35.64 -13.20
N ASP A 316 17.54 -35.96 -13.01
CA ASP A 316 17.90 -37.27 -12.51
C ASP A 316 17.32 -37.51 -11.10
N LEU A 317 17.53 -36.58 -10.18
CA LEU A 317 17.00 -36.67 -8.81
C LEU A 317 15.48 -36.83 -8.81
N LEU A 318 14.82 -36.08 -9.69
CA LEU A 318 13.37 -36.15 -9.82
C LEU A 318 12.93 -37.55 -10.26
N ARG A 319 13.54 -38.04 -11.33
CA ARG A 319 13.21 -39.38 -11.82
C ARG A 319 13.43 -40.42 -10.70
N GLU A 320 14.53 -40.24 -9.98
CA GLU A 320 14.88 -41.08 -8.85
C GLU A 320 13.80 -41.08 -7.77
N LEU A 321 13.25 -39.91 -7.47
CA LEU A 321 12.17 -39.82 -6.49
C LEU A 321 10.93 -40.51 -7.02
N LEU A 322 10.70 -40.40 -8.32
CA LEU A 322 9.57 -41.09 -8.94
C LEU A 322 9.76 -42.61 -8.96
N VAL A 323 10.99 -43.08 -8.80
CA VAL A 323 11.21 -44.51 -8.62
C VAL A 323 11.01 -44.86 -7.15
N ARG A 324 11.47 -43.97 -6.27
CA ARG A 324 11.41 -44.18 -4.84
C ARG A 324 9.97 -44.21 -4.33
N ASP A 325 9.10 -43.42 -4.93
CA ASP A 325 7.69 -43.40 -4.55
C ASP A 325 6.87 -43.74 -5.76
N LYS A 326 6.53 -45.02 -5.90
CA LYS A 326 5.78 -45.47 -7.05
C LYS A 326 4.28 -45.23 -6.90
N ARG A 327 3.84 -44.82 -5.72
CA ARG A 327 2.40 -44.71 -5.44
C ARG A 327 1.79 -43.30 -5.62
N ARG A 328 2.31 -42.31 -4.92
CA ARG A 328 1.64 -41.01 -4.82
C ARG A 328 1.94 -40.02 -5.96
N ASN A 329 1.01 -39.10 -6.20
CA ASN A 329 1.20 -38.00 -7.13
C ASN A 329 2.01 -36.88 -6.48
N VAL A 330 2.49 -35.95 -7.30
CA VAL A 330 3.16 -34.77 -6.77
C VAL A 330 2.26 -33.54 -6.83
N ARG A 331 2.22 -32.76 -5.75
CA ARG A 331 1.40 -31.56 -5.69
C ARG A 331 2.24 -30.30 -5.86
N ARG A 332 3.46 -30.33 -5.33
CA ARG A 332 4.35 -29.20 -5.41
C ARG A 332 5.75 -29.72 -5.70
N ILE A 333 6.56 -28.90 -6.34
CA ILE A 333 7.94 -29.30 -6.68
C ILE A 333 8.90 -28.14 -6.39
N GLY A 334 10.06 -28.45 -5.85
CA GLY A 334 10.98 -27.40 -5.48
C GLY A 334 12.41 -27.82 -5.52
N VAL A 335 13.30 -26.90 -5.17
CA VAL A 335 14.72 -27.17 -5.18
C VAL A 335 15.36 -26.44 -4.01
N LYS A 336 16.41 -27.05 -3.45
CA LYS A 336 17.23 -26.41 -2.43
C LYS A 336 18.70 -26.41 -2.79
N LEU A 337 19.27 -25.21 -2.84
CA LEU A 337 20.68 -25.03 -3.16
C LEU A 337 21.40 -24.83 -1.86
N ASP A 338 22.42 -25.66 -1.67
CA ASP A 338 23.18 -25.71 -0.45
C ASP A 338 24.62 -25.53 -0.81
N ASN A 339 25.45 -25.42 0.23
CA ASN A 339 26.89 -25.33 0.10
C ASN A 339 27.31 -24.31 -0.93
N ILE A 340 26.89 -23.06 -0.72
CA ILE A 340 27.12 -21.99 -1.66
C ILE A 340 28.52 -21.39 -1.53
N ILE A 341 28.95 -20.68 -2.57
CA ILE A 341 30.18 -19.87 -2.52
C ILE A 341 30.01 -18.62 -3.36
N MET B 1 -30.69 37.41 -11.29
CA MET B 1 -30.14 36.27 -10.58
C MET B 1 -28.82 36.61 -9.90
N ILE B 2 -28.67 36.16 -8.66
CA ILE B 2 -27.42 36.33 -7.92
C ILE B 2 -26.94 34.95 -7.44
N VAL B 3 -25.69 34.63 -7.75
CA VAL B 3 -25.16 33.31 -7.42
C VAL B 3 -23.95 33.40 -6.49
N LEU B 4 -23.97 32.58 -5.44
CA LEU B 4 -22.87 32.57 -4.48
C LEU B 4 -22.20 31.22 -4.56
N PHE B 5 -20.92 31.21 -4.87
CA PHE B 5 -20.17 29.99 -5.05
C PHE B 5 -19.18 29.86 -3.93
N VAL B 6 -19.10 28.66 -3.35
CA VAL B 6 -18.22 28.40 -2.23
C VAL B 6 -17.24 27.31 -2.63
N ASP B 7 -15.97 27.60 -2.41
CA ASP B 7 -14.90 26.69 -2.78
C ASP B 7 -13.97 26.55 -1.58
N PHE B 8 -13.88 25.34 -1.04
CA PHE B 8 -13.09 25.14 0.17
C PHE B 8 -11.61 25.24 -0.18
N ASP B 9 -10.87 26.09 0.54
CA ASP B 9 -9.46 26.29 0.24
C ASP B 9 -8.63 25.01 0.40
N TYR B 10 -7.85 24.69 -0.65
CA TYR B 10 -6.89 23.57 -0.64
C TYR B 10 -7.31 22.43 0.26
N PHE B 11 -8.52 21.94 0.03
CA PHE B 11 -9.28 21.15 1.00
C PHE B 11 -8.54 20.03 1.76
N TYR B 12 -8.18 18.95 1.07
CA TYR B 12 -7.50 17.82 1.69
C TYR B 12 -6.37 18.27 2.63
N ALA B 13 -5.47 19.08 2.09
CA ALA B 13 -4.34 19.58 2.87
C ALA B 13 -4.80 20.42 4.07
N GLN B 14 -5.92 21.12 3.91
CA GLN B 14 -6.42 21.94 4.99
C GLN B 14 -7.05 21.12 6.12
N VAL B 15 -7.70 20.02 5.76
CA VAL B 15 -8.20 19.06 6.73
C VAL B 15 -7.01 18.52 7.50
N GLU B 16 -5.96 18.15 6.78
CA GLU B 16 -4.76 17.72 7.49
C GLU B 16 -4.21 18.82 8.44
N GLU B 17 -4.29 20.08 8.02
CA GLU B 17 -3.88 21.20 8.90
C GLU B 17 -4.74 21.34 10.17
N VAL B 18 -6.05 21.17 10.00
CA VAL B 18 -7.01 21.19 11.12
C VAL B 18 -6.67 20.09 12.12
N LEU B 19 -6.48 18.89 11.58
CA LEU B 19 -6.15 17.71 12.37
C LEU B 19 -4.78 17.81 13.04
N ASN B 20 -3.86 18.56 12.42
CA ASN B 20 -2.55 18.84 13.02
C ASN B 20 -2.10 20.31 12.85
N PRO B 21 -2.49 21.16 13.82
CA PRO B 21 -2.28 22.61 13.78
C PRO B 21 -0.80 22.99 13.65
N SER B 22 0.10 22.08 14.01
CA SER B 22 1.53 22.34 13.92
C SER B 22 2.00 22.34 12.48
N LEU B 23 1.11 21.93 11.56
CA LEU B 23 1.44 21.93 10.14
C LEU B 23 1.27 23.31 9.54
N LYS B 24 0.41 24.13 10.15
CA LYS B 24 0.05 25.40 9.53
C LYS B 24 1.27 26.32 9.38
N GLY B 25 1.44 26.87 8.20
CA GLY B 25 2.62 27.64 7.87
C GLY B 25 3.63 26.82 7.08
N LYS B 26 3.61 25.50 7.29
CA LYS B 26 4.51 24.59 6.58
C LYS B 26 3.85 24.09 5.29
N PRO B 27 4.68 23.77 4.28
CA PRO B 27 4.16 23.17 3.05
C PRO B 27 3.65 21.76 3.31
N VAL B 28 2.39 21.50 2.94
CA VAL B 28 1.75 20.20 3.19
C VAL B 28 1.30 19.56 1.88
N VAL B 29 1.68 18.30 1.68
CA VAL B 29 1.42 17.63 0.42
C VAL B 29 0.68 16.30 0.61
N VAL B 30 -0.60 16.29 0.26
CA VAL B 30 -1.41 15.08 0.29
C VAL B 30 -1.21 14.33 -1.01
N CYS B 31 -0.77 13.08 -0.88
CA CYS B 31 -0.34 12.25 -2.00
C CYS B 31 -1.21 11.02 -2.19
N VAL B 32 -1.14 10.47 -3.40
CA VAL B 32 -1.76 9.19 -3.68
C VAL B 32 -0.66 8.21 -4.04
N PHE B 33 -0.29 7.36 -3.08
CA PHE B 33 0.78 6.42 -3.29
C PHE B 33 0.24 5.22 -4.03
N SER B 34 1.09 4.59 -4.84
CA SER B 34 0.65 3.44 -5.62
C SER B 34 1.22 2.16 -5.05
N GLY B 35 2.30 2.28 -4.31
CA GLY B 35 2.92 1.12 -3.68
C GLY B 35 3.91 0.38 -4.55
N ARG B 36 4.15 0.86 -5.75
CA ARG B 36 5.12 0.21 -6.64
C ARG B 36 6.51 0.22 -6.04
N PHE B 37 6.91 1.38 -5.53
CA PHE B 37 8.18 1.54 -4.89
C PHE B 37 8.00 2.76 -4.00
N GLU B 38 8.98 3.07 -3.17
CA GLU B 38 8.83 4.16 -2.22
C GLU B 38 8.70 5.49 -2.96
N ASP B 39 7.77 6.32 -2.51
CA ASP B 39 7.50 7.62 -3.13
C ASP B 39 6.94 7.52 -4.55
N SER B 40 6.41 6.35 -4.91
CA SER B 40 5.70 6.20 -6.16
C SER B 40 4.27 6.68 -6.04
N GLY B 41 3.82 7.45 -7.02
CA GLY B 41 2.45 7.92 -7.06
C GLY B 41 2.42 9.37 -7.43
N ALA B 42 1.32 10.03 -7.11
CA ALA B 42 1.09 11.40 -7.57
C ALA B 42 0.53 12.27 -6.44
N VAL B 43 0.74 13.57 -6.55
CA VAL B 43 0.22 14.52 -5.56
C VAL B 43 -1.27 14.72 -5.76
N ALA B 44 -2.04 14.66 -4.69
CA ALA B 44 -3.47 14.85 -4.82
C ALA B 44 -3.84 16.29 -4.51
N THR B 45 -3.07 16.92 -3.64
CA THR B 45 -3.39 18.30 -3.22
C THR B 45 -2.27 18.88 -2.37
N ALA B 46 -1.94 20.14 -2.61
CA ALA B 46 -0.90 20.81 -1.83
C ALA B 46 -1.46 22.10 -1.27
N ASN B 47 -1.00 22.50 -0.10
CA ASN B 47 -1.47 23.76 0.43
C ASN B 47 -0.75 24.90 -0.28
N TYR B 48 -1.08 26.12 0.05
CA TYR B 48 -0.54 27.24 -0.72
C TYR B 48 0.96 27.40 -0.53
N GLU B 49 1.45 27.05 0.66
CA GLU B 49 2.87 27.08 0.97
CA GLU B 49 2.88 27.12 0.93
C GLU B 49 3.61 26.11 0.06
N ALA B 50 2.91 25.08 -0.37
CA ALA B 50 3.51 24.08 -1.23
C ALA B 50 3.39 24.49 -2.69
N ARG B 51 2.20 24.96 -3.08
CA ARG B 51 1.95 25.37 -4.46
C ARG B 51 2.92 26.48 -4.84
N LYS B 52 3.14 27.39 -3.90
CA LYS B 52 4.09 28.48 -4.04
C LYS B 52 5.45 28.07 -4.62
N PHE B 53 5.83 26.79 -4.43
CA PHE B 53 7.08 26.27 -4.95
C PHE B 53 6.91 25.34 -6.14
N GLY B 54 5.70 25.26 -6.66
CA GLY B 54 5.43 24.48 -7.85
C GLY B 54 4.97 23.07 -7.56
N VAL B 55 4.73 22.76 -6.29
CA VAL B 55 4.22 21.44 -5.92
C VAL B 55 2.71 21.46 -5.92
N LYS B 56 2.11 20.81 -6.91
CA LYS B 56 0.68 20.91 -7.12
C LYS B 56 0.10 19.57 -7.54
N ALA B 57 -1.23 19.48 -7.47
CA ALA B 57 -1.97 18.28 -7.86
C ALA B 57 -1.49 17.71 -9.21
N GLY B 58 -1.17 16.42 -9.24
CA GLY B 58 -0.83 15.79 -10.50
C GLY B 58 0.63 15.51 -10.72
N ILE B 59 1.53 16.27 -10.11
CA ILE B 59 2.96 16.00 -10.31
C ILE B 59 3.38 14.80 -9.48
N PRO B 60 4.40 14.05 -9.93
CA PRO B 60 4.78 12.84 -9.20
C PRO B 60 5.40 13.18 -7.85
N ILE B 61 5.14 12.33 -6.86
CA ILE B 61 5.63 12.55 -5.50
C ILE B 61 7.14 12.73 -5.49
N VAL B 62 7.82 11.97 -6.33
CA VAL B 62 9.27 12.09 -6.52
C VAL B 62 9.72 13.52 -6.89
N GLU B 63 9.03 14.14 -7.85
CA GLU B 63 9.34 15.53 -8.24
C GLU B 63 9.13 16.48 -7.07
N ALA B 64 7.99 16.36 -6.40
CA ALA B 64 7.73 17.19 -5.23
C ALA B 64 8.85 17.07 -4.21
N LYS B 65 9.28 15.84 -3.94
CA LYS B 65 10.35 15.62 -2.99
C LYS B 65 11.68 16.22 -3.47
N LYS B 66 11.91 16.21 -4.78
CA LYS B 66 13.05 16.97 -5.31
C LYS B 66 12.92 18.46 -4.96
N ILE B 67 11.75 19.02 -5.26
CA ILE B 67 11.46 20.43 -4.97
C ILE B 67 11.42 20.76 -3.47
N LEU B 68 10.60 20.02 -2.73
CA LEU B 68 10.46 20.26 -1.29
C LEU B 68 10.75 18.98 -0.50
N PRO B 69 12.03 18.65 -0.36
CA PRO B 69 12.42 17.41 0.31
C PRO B 69 12.03 17.42 1.77
N ASN B 70 12.05 18.59 2.38
CA ASN B 70 11.77 18.72 3.80
C ASN B 70 10.29 18.91 4.15
N ALA B 71 9.46 19.18 3.13
CA ALA B 71 8.03 19.39 3.35
C ALA B 71 7.32 18.20 3.99
N VAL B 72 6.08 18.41 4.40
CA VAL B 72 5.28 17.34 5.00
C VAL B 72 4.48 16.57 3.96
N TYR B 73 4.73 15.28 3.83
CA TYR B 73 3.98 14.43 2.89
C TYR B 73 3.06 13.47 3.63
N LEU B 74 1.78 13.50 3.28
CA LEU B 74 0.76 12.74 4.00
C LEU B 74 -0.15 12.03 3.04
N PRO B 75 -0.44 10.76 3.33
CA PRO B 75 -1.28 9.96 2.44
C PRO B 75 -2.72 10.45 2.44
N MET B 76 -3.30 10.40 1.25
CA MET B 76 -4.71 10.62 1.03
C MET B 76 -5.57 9.90 2.07
N ARG B 77 -6.61 10.58 2.55
CA ARG B 77 -7.61 9.96 3.45
C ARG B 77 -9.02 10.36 2.99
N LYS B 78 -9.39 9.98 1.77
CA LYS B 78 -10.61 10.45 1.11
C LYS B 78 -11.89 10.49 1.97
N GLU B 79 -12.02 9.51 2.87
CA GLU B 79 -13.24 9.34 3.67
C GLU B 79 -13.45 10.39 4.76
N VAL B 80 -12.36 10.80 5.41
CA VAL B 80 -12.42 11.88 6.38
C VAL B 80 -12.81 13.16 5.65
N TYR B 81 -12.11 13.39 4.56
CA TYR B 81 -12.34 14.56 3.73
C TYR B 81 -13.81 14.58 3.35
N GLN B 82 -14.35 13.41 3.08
CA GLN B 82 -15.71 13.33 2.60
C GLN B 82 -16.68 13.59 3.73
N GLN B 83 -16.33 13.15 4.94
CA GLN B 83 -17.14 13.42 6.14
C GLN B 83 -17.28 14.93 6.31
N VAL B 84 -16.12 15.58 6.35
CA VAL B 84 -16.05 17.03 6.55
C VAL B 84 -16.80 17.77 5.46
N SER B 85 -16.59 17.35 4.21
CA SER B 85 -17.30 17.93 3.09
C SER B 85 -18.80 17.85 3.33
N SER B 86 -19.27 16.65 3.67
CA SER B 86 -20.70 16.44 3.92
C SER B 86 -21.22 17.42 4.96
N ARG B 87 -20.47 17.58 6.05
CA ARG B 87 -20.86 18.51 7.11
C ARG B 87 -20.94 19.96 6.61
N ILE B 88 -19.97 20.37 5.80
CA ILE B 88 -19.94 21.75 5.32
C ILE B 88 -21.08 22.02 4.35
N MET B 89 -21.33 21.06 3.47
CA MET B 89 -22.43 21.16 2.53
C MET B 89 -23.73 21.31 3.32
N ASN B 90 -23.97 20.38 4.24
CA ASN B 90 -25.14 20.49 5.10
C ASN B 90 -25.28 21.87 5.71
N LEU B 91 -24.16 22.39 6.24
CA LEU B 91 -24.12 23.77 6.73
C LEU B 91 -24.61 24.80 5.69
N LEU B 92 -24.19 24.62 4.44
CA LEU B 92 -24.57 25.53 3.36
C LEU B 92 -26.04 25.42 2.99
N ARG B 93 -26.61 24.24 3.23
CA ARG B 93 -27.98 23.91 2.82
C ARG B 93 -29.03 24.80 3.48
N GLU B 94 -28.67 25.43 4.60
CA GLU B 94 -29.60 26.27 5.33
C GLU B 94 -29.64 27.70 4.80
N TYR B 95 -28.96 27.95 3.68
CA TYR B 95 -28.98 29.27 3.07
C TYR B 95 -29.79 29.26 1.76
N SER B 96 -30.01 28.06 1.22
CA SER B 96 -30.90 27.88 0.07
C SER B 96 -31.24 26.41 -0.08
N GLU B 97 -32.37 26.12 -0.71
CA GLU B 97 -32.58 24.77 -1.24
C GLU B 97 -32.16 24.77 -2.71
N LYS B 98 -31.92 25.97 -3.22
CA LYS B 98 -31.36 26.14 -4.55
C LYS B 98 -29.85 25.98 -4.46
N ILE B 99 -29.40 24.76 -4.20
CA ILE B 99 -27.97 24.51 -4.04
C ILE B 99 -27.46 23.45 -5.03
N GLU B 100 -26.31 23.73 -5.61
CA GLU B 100 -25.67 22.80 -6.55
C GLU B 100 -24.28 22.44 -6.08
N ILE B 101 -24.12 21.20 -5.66
CA ILE B 101 -22.84 20.71 -5.17
C ILE B 101 -22.01 20.25 -6.36
N ALA B 102 -21.12 21.12 -6.81
CA ALA B 102 -20.30 20.82 -7.96
C ALA B 102 -19.36 19.67 -7.65
N SER B 103 -18.70 19.73 -6.50
CA SER B 103 -17.77 18.66 -6.15
C SER B 103 -17.54 18.62 -4.66
N ILE B 104 -16.74 17.65 -4.22
CA ILE B 104 -16.42 17.50 -2.81
C ILE B 104 -15.95 18.80 -2.12
N ASP B 105 -15.53 19.81 -2.87
CA ASP B 105 -15.10 21.04 -2.23
C ASP B 105 -15.69 22.29 -2.87
N GLU B 106 -16.76 22.11 -3.66
CA GLU B 106 -17.35 23.24 -4.39
C GLU B 106 -18.86 23.15 -4.44
N ALA B 107 -19.54 24.27 -4.26
CA ALA B 107 -21.00 24.31 -4.30
C ALA B 107 -21.52 25.66 -4.75
N TYR B 108 -22.63 25.66 -5.50
CA TYR B 108 -23.32 26.90 -5.90
C TYR B 108 -24.64 27.08 -5.18
N LEU B 109 -24.94 28.31 -4.81
CA LEU B 109 -26.22 28.68 -4.23
C LEU B 109 -26.87 29.76 -5.07
N ASP B 110 -28.15 29.60 -5.34
CA ASP B 110 -28.93 30.67 -5.94
C ASP B 110 -29.55 31.45 -4.79
N ILE B 111 -28.93 32.56 -4.41
CA ILE B 111 -29.45 33.37 -3.31
C ILE B 111 -30.33 34.52 -3.81
N SER B 112 -30.94 34.35 -4.98
CA SER B 112 -31.74 35.42 -5.58
C SER B 112 -33.04 35.68 -4.82
N ASP B 113 -33.72 34.60 -4.43
CA ASP B 113 -34.96 34.72 -3.66
C ASP B 113 -34.66 34.91 -2.18
N LYS B 114 -33.44 35.32 -1.85
CA LYS B 114 -33.03 35.46 -0.47
C LYS B 114 -32.15 36.70 -0.25
N VAL B 115 -32.00 37.52 -1.28
CA VAL B 115 -31.15 38.71 -1.22
C VAL B 115 -31.48 39.70 -2.36
N ARG B 116 -31.50 40.99 -2.04
CA ARG B 116 -31.86 42.02 -3.02
C ARG B 116 -30.64 42.75 -3.59
N ASP B 117 -29.50 42.59 -2.93
CA ASP B 117 -28.33 43.43 -3.18
C ASP B 117 -27.03 42.62 -3.14
N TYR B 118 -26.08 42.96 -4.01
CA TYR B 118 -24.76 42.33 -3.96
C TYR B 118 -24.01 42.75 -2.68
N ARG B 119 -24.51 43.78 -1.99
CA ARG B 119 -23.98 44.16 -0.67
C ARG B 119 -24.45 43.19 0.39
N GLU B 120 -25.75 42.92 0.38
CA GLU B 120 -26.34 41.89 1.21
C GLU B 120 -25.72 40.53 0.88
N ALA B 121 -25.38 40.34 -0.39
CA ALA B 121 -24.73 39.12 -0.81
C ALA B 121 -23.33 39.02 -0.21
N TYR B 122 -22.55 40.09 -0.30
CA TYR B 122 -21.21 40.11 0.30
C TYR B 122 -21.28 39.81 1.79
N ASN B 123 -22.23 40.43 2.47
CA ASN B 123 -22.40 40.15 3.89
C ASN B 123 -22.78 38.70 4.17
N LEU B 124 -23.66 38.14 3.34
CA LEU B 124 -24.04 36.74 3.47
C LEU B 124 -22.83 35.82 3.27
N GLY B 125 -21.99 36.16 2.29
CA GLY B 125 -20.79 35.40 2.02
C GLY B 125 -19.87 35.42 3.22
N LEU B 126 -19.69 36.60 3.80
CA LEU B 126 -18.95 36.73 5.06
C LEU B 126 -19.54 35.84 6.14
N GLU B 127 -20.86 35.88 6.28
CA GLU B 127 -21.58 35.13 7.31
C GLU B 127 -21.31 33.62 7.16
N ILE B 128 -21.42 33.13 5.94
CA ILE B 128 -21.18 31.73 5.60
C ILE B 128 -19.73 31.33 5.88
N LYS B 129 -18.78 32.19 5.53
CA LYS B 129 -17.38 31.94 5.87
C LYS B 129 -17.22 31.79 7.39
N ASN B 130 -17.88 32.69 8.11
CA ASN B 130 -17.90 32.62 9.58
C ASN B 130 -18.48 31.34 10.16
N LYS B 131 -19.62 30.91 9.63
CA LYS B 131 -20.25 29.64 10.01
C LYS B 131 -19.32 28.45 9.76
N ILE B 132 -18.85 28.30 8.52
CA ILE B 132 -17.98 27.18 8.18
C ILE B 132 -16.70 27.16 9.05
N LEU B 133 -16.14 28.33 9.32
CA LEU B 133 -14.96 28.38 10.17
C LEU B 133 -15.31 27.99 11.62
N GLU B 134 -16.46 28.45 12.08
CA GLU B 134 -16.93 28.17 13.43
C GLU B 134 -17.07 26.67 13.62
N LYS B 135 -17.81 26.02 12.74
CA LYS B 135 -18.15 24.62 12.94
C LYS B 135 -17.02 23.68 12.53
N GLU B 136 -16.38 23.94 11.40
CA GLU B 136 -15.41 22.99 10.84
C GLU B 136 -13.97 23.44 10.84
N LYS B 137 -13.73 24.72 11.12
CA LYS B 137 -12.39 25.31 11.15
C LYS B 137 -11.69 25.28 9.79
N ILE B 138 -12.50 25.14 8.73
CA ILE B 138 -12.02 25.22 7.35
C ILE B 138 -12.28 26.62 6.79
N THR B 139 -11.26 27.21 6.18
CA THR B 139 -11.42 28.49 5.49
C THR B 139 -11.88 28.22 4.06
N VAL B 140 -12.86 28.99 3.60
CA VAL B 140 -13.38 28.84 2.25
C VAL B 140 -13.30 30.16 1.47
N THR B 141 -13.49 30.08 0.16
CA THR B 141 -13.45 31.26 -0.67
C THR B 141 -14.80 31.39 -1.36
N VAL B 142 -15.36 32.60 -1.29
CA VAL B 142 -16.71 32.87 -1.78
C VAL B 142 -16.66 33.80 -2.98
N GLY B 143 -17.20 33.34 -4.10
CA GLY B 143 -17.31 34.16 -5.29
C GLY B 143 -18.76 34.48 -5.54
N ILE B 144 -19.06 35.71 -5.90
CA ILE B 144 -20.42 36.14 -6.12
C ILE B 144 -20.54 36.94 -7.42
N SER B 145 -21.47 36.55 -8.26
CA SER B 145 -21.71 37.26 -9.50
C SER B 145 -23.11 36.96 -10.00
N LYS B 146 -23.33 37.11 -11.29
CA LYS B 146 -24.69 37.04 -11.85
C LYS B 146 -25.03 35.69 -12.44
N ASN B 147 -24.03 34.80 -12.52
CA ASN B 147 -24.24 33.46 -13.00
C ASN B 147 -23.17 32.53 -12.49
N LYS B 148 -23.30 31.25 -12.80
CA LYS B 148 -22.37 30.27 -12.25
C LYS B 148 -20.90 30.51 -12.63
N VAL B 149 -20.64 30.72 -13.92
CA VAL B 149 -19.28 30.88 -14.40
C VAL B 149 -18.56 32.04 -13.72
N PHE B 150 -19.23 33.18 -13.62
CA PHE B 150 -18.57 34.34 -13.02
C PHE B 150 -18.47 34.27 -11.49
N ALA B 151 -19.37 33.52 -10.86
CA ALA B 151 -19.25 33.31 -9.41
C ALA B 151 -18.00 32.50 -9.19
N LYS B 152 -17.85 31.49 -10.03
CA LYS B 152 -16.67 30.62 -9.97
C LYS B 152 -15.41 31.44 -10.23
N ILE B 153 -15.50 32.35 -11.18
CA ILE B 153 -14.36 33.20 -11.56
C ILE B 153 -13.95 34.11 -10.40
N ALA B 154 -14.94 34.73 -9.75
CA ALA B 154 -14.71 35.49 -8.52
C ALA B 154 -13.97 34.65 -7.50
N ALA B 155 -14.47 33.43 -7.30
CA ALA B 155 -13.83 32.53 -6.35
C ALA B 155 -12.35 32.34 -6.69
N ASP B 156 -12.08 31.95 -7.94
CA ASP B 156 -10.71 31.76 -8.39
C ASP B 156 -9.85 33.01 -8.18
N MET B 157 -10.46 34.18 -8.31
CA MET B 157 -9.76 35.44 -8.10
C MET B 157 -9.40 35.73 -6.65
N ALA B 158 -10.30 35.41 -5.71
CA ALA B 158 -10.07 35.78 -4.31
C ALA B 158 -9.33 34.76 -3.42
N LYS B 159 -9.28 33.50 -3.85
CA LYS B 159 -8.77 32.41 -3.01
C LYS B 159 -7.27 32.51 -2.72
N PRO B 160 -6.84 31.98 -1.55
CA PRO B 160 -7.64 31.29 -0.53
C PRO B 160 -8.21 32.25 0.49
N ASN B 161 -9.25 31.82 1.19
CA ASN B 161 -9.85 32.63 2.27
C ASN B 161 -10.26 34.00 1.77
N GLY B 162 -10.84 34.04 0.59
CA GLY B 162 -11.23 35.31 0.02
C GLY B 162 -12.74 35.42 -0.05
N ILE B 163 -13.18 36.54 -0.61
CA ILE B 163 -14.56 36.78 -0.95
C ILE B 163 -14.50 37.83 -2.03
N LYS B 164 -15.29 37.65 -3.09
CA LYS B 164 -15.12 38.47 -4.27
C LYS B 164 -16.42 38.63 -5.04
N VAL B 165 -16.82 39.88 -5.24
CA VAL B 165 -17.99 40.16 -6.06
C VAL B 165 -17.53 40.63 -7.44
N ILE B 166 -18.27 40.20 -8.47
CA ILE B 166 -18.08 40.69 -9.81
C ILE B 166 -19.37 41.34 -10.30
N ASP B 167 -19.50 42.67 -10.15
CA ASP B 167 -20.70 43.36 -10.62
C ASP B 167 -20.78 43.34 -12.15
N ASP B 168 -21.91 43.79 -12.70
CA ASP B 168 -22.15 43.72 -14.14
C ASP B 168 -21.06 44.43 -14.94
N GLU B 169 -20.62 45.56 -14.39
CA GLU B 169 -19.51 46.33 -14.95
C GLU B 169 -18.26 45.48 -15.08
N GLU B 170 -17.96 44.74 -14.01
CA GLU B 170 -16.76 43.90 -13.98
C GLU B 170 -16.92 42.67 -14.86
N VAL B 171 -18.15 42.22 -15.06
CA VAL B 171 -18.42 41.15 -16.01
C VAL B 171 -18.02 41.65 -17.39
N LYS B 172 -18.49 42.86 -17.71
CA LYS B 172 -18.18 43.52 -18.98
C LYS B 172 -16.68 43.63 -19.19
N ARG B 173 -15.97 44.11 -18.16
CA ARG B 173 -14.51 44.27 -18.26
C ARG B 173 -13.80 42.91 -18.45
N LEU B 174 -14.23 41.90 -17.70
CA LEU B 174 -13.60 40.59 -17.73
C LEU B 174 -13.79 39.89 -19.07
N ILE B 175 -14.98 40.03 -19.66
CA ILE B 175 -15.24 39.44 -20.97
C ILE B 175 -14.18 39.86 -22.00
N ARG B 176 -13.59 41.03 -21.79
CA ARG B 176 -12.53 41.51 -22.66
C ARG B 176 -11.16 41.13 -22.14
N GLU B 177 -10.95 41.24 -20.83
CA GLU B 177 -9.60 41.11 -20.30
C GLU B 177 -9.25 39.73 -19.75
N LEU B 178 -10.25 38.90 -19.51
CA LEU B 178 -10.00 37.59 -18.92
C LEU B 178 -9.48 36.58 -19.92
N ASP B 179 -8.26 36.12 -19.65
CA ASP B 179 -7.61 35.01 -20.35
C ASP B 179 -8.59 33.87 -20.52
N ILE B 180 -8.66 33.31 -21.73
CA ILE B 180 -9.65 32.27 -21.99
C ILE B 180 -9.32 30.98 -21.25
N ALA B 181 -8.07 30.84 -20.83
CA ALA B 181 -7.63 29.66 -20.10
C ALA B 181 -8.23 29.65 -18.69
N ASP B 182 -8.65 30.82 -18.23
CA ASP B 182 -9.22 30.95 -16.89
C ASP B 182 -10.74 30.79 -16.89
N VAL B 183 -11.33 30.53 -18.05
CA VAL B 183 -12.78 30.27 -18.09
C VAL B 183 -13.02 28.86 -17.56
N PRO B 184 -13.97 28.70 -16.63
CA PRO B 184 -14.23 27.35 -16.11
C PRO B 184 -14.68 26.43 -17.24
N GLY B 185 -14.23 25.17 -17.20
CA GLY B 185 -14.56 24.20 -18.23
C GLY B 185 -13.59 24.19 -19.40
N ILE B 186 -12.66 25.16 -19.40
CA ILE B 186 -11.69 25.25 -20.49
C ILE B 186 -10.29 24.85 -20.02
N GLY B 187 -9.88 23.64 -20.36
CA GLY B 187 -8.57 23.14 -19.94
C GLY B 187 -7.49 23.43 -20.96
N ASN B 188 -6.26 23.03 -20.67
CA ASN B 188 -5.10 23.38 -21.48
C ASN B 188 -5.19 22.94 -22.94
N ILE B 189 -5.84 21.82 -23.20
CA ILE B 189 -5.96 21.33 -24.57
C ILE B 189 -6.66 22.38 -25.43
N THR B 190 -7.87 22.73 -24.99
CA THR B 190 -8.66 23.75 -25.65
C THR B 190 -7.92 25.08 -25.75
N ALA B 191 -7.46 25.55 -24.59
CA ALA B 191 -6.82 26.87 -24.49
C ALA B 191 -5.60 27.01 -25.40
N GLU B 192 -4.85 25.92 -25.55
CA GLU B 192 -3.68 25.93 -26.42
C GLU B 192 -4.11 25.90 -27.89
N LYS B 193 -5.11 25.07 -28.20
CA LYS B 193 -5.70 25.09 -29.53
C LYS B 193 -6.07 26.52 -29.96
N LEU B 194 -6.79 27.23 -29.08
CA LEU B 194 -7.20 28.60 -29.38
C LEU B 194 -6.03 29.59 -29.44
N LYS B 195 -5.12 29.52 -28.45
CA LYS B 195 -3.96 30.39 -28.41
C LYS B 195 -3.18 30.33 -29.71
N LYS B 196 -3.15 29.14 -30.31
CA LYS B 196 -2.54 28.98 -31.64
C LYS B 196 -3.13 29.91 -32.71
N LEU B 197 -4.34 30.41 -32.49
CA LEU B 197 -5.00 31.22 -33.51
C LEU B 197 -5.33 32.67 -33.11
N GLY B 198 -4.74 33.13 -32.01
CA GLY B 198 -4.91 34.51 -31.59
C GLY B 198 -6.18 34.72 -30.80
N ILE B 199 -6.86 33.62 -30.48
CA ILE B 199 -7.98 33.62 -29.54
C ILE B 199 -7.38 33.47 -28.16
N ASN B 200 -7.30 34.58 -27.42
CA ASN B 200 -6.73 34.60 -26.08
C ASN B 200 -7.71 35.13 -25.03
N LYS B 201 -8.77 35.78 -25.49
CA LYS B 201 -9.74 36.40 -24.61
C LYS B 201 -11.11 35.94 -25.07
N LEU B 202 -12.05 35.84 -24.13
CA LEU B 202 -13.43 35.47 -24.44
C LEU B 202 -13.98 36.22 -25.65
N VAL B 203 -13.85 37.54 -25.62
CA VAL B 203 -14.42 38.40 -26.65
C VAL B 203 -13.95 37.99 -28.06
N ASP B 204 -12.75 37.38 -28.13
CA ASP B 204 -12.17 37.01 -29.41
C ASP B 204 -13.00 35.98 -30.13
N THR B 205 -13.65 35.10 -29.37
CA THR B 205 -14.49 34.07 -29.98
C THR B 205 -15.64 34.69 -30.77
N LEU B 206 -15.96 35.95 -30.48
CA LEU B 206 -17.00 36.64 -31.23
C LEU B 206 -16.57 36.99 -32.66
N SER B 207 -15.27 37.16 -32.91
CA SER B 207 -14.79 37.53 -34.25
C SER B 207 -14.07 36.43 -35.04
N ILE B 208 -14.37 35.17 -34.72
CA ILE B 208 -13.90 34.03 -35.50
C ILE B 208 -15.12 33.43 -36.17
N GLU B 209 -14.96 32.90 -37.38
CA GLU B 209 -16.07 32.17 -38.01
C GLU B 209 -16.50 31.06 -37.05
N PHE B 210 -17.81 30.80 -36.98
CA PHE B 210 -18.32 29.76 -36.11
C PHE B 210 -17.78 28.40 -36.49
N ASP B 211 -17.72 28.13 -37.80
CA ASP B 211 -17.28 26.82 -38.26
C ASP B 211 -15.79 26.54 -38.04
N LYS B 212 -14.99 27.58 -37.93
CA LYS B 212 -13.57 27.39 -37.65
C LYS B 212 -13.40 27.13 -36.15
N LEU B 213 -14.13 27.89 -35.34
CA LEU B 213 -14.11 27.70 -33.89
C LEU B 213 -14.58 26.30 -33.55
N LYS B 214 -15.75 25.94 -34.06
CA LYS B 214 -16.29 24.59 -33.91
C LYS B 214 -15.31 23.58 -34.48
N GLY B 215 -14.68 23.95 -35.59
CA GLY B 215 -13.75 23.10 -36.27
C GLY B 215 -12.56 22.69 -35.41
N MET B 216 -12.08 23.61 -34.59
CA MET B 216 -10.92 23.28 -33.75
C MET B 216 -11.24 22.97 -32.28
N ILE B 217 -12.43 23.30 -31.80
CA ILE B 217 -12.77 22.97 -30.40
C ILE B 217 -14.12 22.30 -30.20
N GLY B 218 -14.82 21.99 -31.29
CA GLY B 218 -16.08 21.28 -31.19
C GLY B 218 -17.25 22.15 -30.76
N GLU B 219 -18.42 21.83 -31.30
CA GLU B 219 -19.62 22.67 -31.20
C GLU B 219 -19.95 23.14 -29.78
N ALA B 220 -19.94 22.21 -28.83
CA ALA B 220 -20.40 22.47 -27.47
C ALA B 220 -19.65 23.62 -26.84
N LYS B 221 -18.32 23.46 -26.80
CA LYS B 221 -17.45 24.47 -26.19
C LYS B 221 -17.48 25.79 -26.96
N ALA B 222 -17.67 25.70 -28.28
CA ALA B 222 -17.80 26.89 -29.11
C ALA B 222 -18.98 27.71 -28.62
N LYS B 223 -20.11 27.04 -28.45
CA LYS B 223 -21.34 27.71 -28.02
C LYS B 223 -21.23 28.23 -26.58
N TYR B 224 -20.54 27.46 -25.74
CA TYR B 224 -20.30 27.89 -24.36
C TYR B 224 -19.53 29.21 -24.35
N LEU B 225 -18.36 29.20 -24.99
CA LEU B 225 -17.50 30.36 -25.03
C LEU B 225 -18.22 31.57 -25.62
N ILE B 226 -18.82 31.42 -26.80
CA ILE B 226 -19.52 32.58 -27.39
C ILE B 226 -20.68 33.09 -26.53
N SER B 227 -21.41 32.19 -25.88
CA SER B 227 -22.55 32.63 -25.08
C SER B 227 -22.07 33.41 -23.87
N LEU B 228 -20.95 32.99 -23.30
CA LEU B 228 -20.38 33.75 -22.19
C LEU B 228 -19.86 35.10 -22.68
N ALA B 229 -19.26 35.08 -23.86
CA ALA B 229 -18.68 36.29 -24.46
C ALA B 229 -19.76 37.27 -24.90
N ARG B 230 -20.97 36.76 -25.14
CA ARG B 230 -22.10 37.63 -25.49
C ARG B 230 -22.82 38.08 -24.23
N ASP B 231 -22.33 37.62 -23.08
CA ASP B 231 -22.95 37.92 -21.79
C ASP B 231 -24.39 37.43 -21.80
N GLU B 232 -24.58 36.21 -22.28
CA GLU B 232 -25.91 35.61 -22.33
C GLU B 232 -25.93 34.25 -21.66
N TYR B 233 -24.91 33.97 -20.85
CA TYR B 233 -24.88 32.70 -20.15
C TYR B 233 -25.84 32.67 -18.97
N ASN B 234 -26.90 31.86 -19.07
CA ASN B 234 -27.91 31.79 -18.02
C ASN B 234 -28.33 30.37 -17.63
N GLU B 235 -27.36 29.52 -17.33
CA GLU B 235 -27.67 28.19 -16.81
C GLU B 235 -28.13 28.31 -15.37
N PRO B 236 -29.28 27.69 -15.07
CA PRO B 236 -29.86 27.72 -13.73
C PRO B 236 -29.12 26.76 -12.82
N ILE B 237 -29.21 26.99 -11.52
CA ILE B 237 -28.51 26.17 -10.55
C ILE B 237 -29.30 24.91 -10.26
N ARG B 238 -28.90 23.83 -10.92
CA ARG B 238 -29.59 22.56 -10.81
C ARG B 238 -28.96 21.71 -9.72
N THR B 239 -29.81 21.15 -8.88
CA THR B 239 -29.39 20.14 -7.93
C THR B 239 -28.85 18.97 -8.75
N ARG B 240 -27.54 18.95 -8.97
CA ARG B 240 -26.94 17.85 -9.73
C ARG B 240 -26.79 16.64 -8.84
N VAL B 241 -26.97 15.46 -9.42
CA VAL B 241 -26.64 14.22 -8.73
C VAL B 241 -25.50 13.53 -9.50
N ARG B 242 -24.53 13.01 -8.75
CA ARG B 242 -23.44 12.24 -9.31
C ARG B 242 -24.00 11.22 -10.28
N LYS B 243 -23.40 11.10 -11.45
CA LYS B 243 -23.96 10.17 -12.42
C LYS B 243 -23.12 8.89 -12.58
N SER B 244 -21.83 8.96 -12.25
CA SER B 244 -20.97 7.79 -12.27
C SER B 244 -20.05 7.77 -11.08
N ILE B 245 -19.58 6.59 -10.72
CA ILE B 245 -18.54 6.45 -9.72
C ILE B 245 -17.52 5.43 -10.19
N GLY B 246 -16.25 5.74 -10.04
CA GLY B 246 -15.21 4.85 -10.52
C GLY B 246 -14.10 4.69 -9.51
N ARG B 247 -13.45 3.54 -9.54
CA ARG B 247 -12.34 3.28 -8.61
C ARG B 247 -11.21 2.60 -9.34
N TYR B 248 -10.00 3.09 -9.08
CA TYR B 248 -8.83 2.72 -9.84
C TYR B 248 -7.73 2.25 -8.89
N LEU B 249 -6.92 1.30 -9.36
CA LEU B 249 -5.82 0.72 -8.58
C LEU B 249 -4.58 0.50 -9.45
N THR B 250 -3.41 0.79 -8.91
CA THR B 250 -2.18 0.56 -9.64
C THR B 250 -1.66 -0.84 -9.39
N LEU B 251 -1.27 -1.53 -10.46
CA LEU B 251 -0.69 -2.85 -10.33
C LEU B 251 0.72 -2.77 -9.72
N PRO B 252 1.13 -3.83 -9.02
CA PRO B 252 2.48 -3.85 -8.43
C PRO B 252 3.54 -3.96 -9.51
N TYR B 253 3.14 -4.42 -10.69
CA TYR B 253 3.98 -4.40 -11.89
C TYR B 253 3.12 -4.51 -13.15
N ASN B 254 3.62 -3.95 -14.25
CA ASN B 254 2.92 -4.04 -15.52
C ASN B 254 2.77 -5.49 -15.94
N THR B 255 1.59 -5.85 -16.44
CA THR B 255 1.32 -7.24 -16.83
C THR B 255 0.10 -7.35 -17.72
N ARG B 256 -0.06 -8.52 -18.32
CA ARG B 256 -1.28 -8.86 -19.05
C ARG B 256 -1.91 -10.13 -18.46
N ASP B 257 -1.27 -10.68 -17.43
CA ASP B 257 -1.75 -11.89 -16.78
C ASP B 257 -3.07 -11.61 -16.08
N VAL B 258 -4.12 -12.32 -16.44
CA VAL B 258 -5.43 -12.06 -15.85
C VAL B 258 -5.45 -12.51 -14.38
N LYS B 259 -4.72 -13.58 -14.07
CA LYS B 259 -4.67 -14.09 -12.70
C LYS B 259 -4.12 -13.02 -11.74
N VAL B 260 -3.26 -12.16 -12.26
CA VAL B 260 -2.68 -11.08 -11.47
C VAL B 260 -3.64 -9.89 -11.39
N ILE B 261 -4.37 -9.65 -12.47
CA ILE B 261 -5.16 -8.43 -12.60
C ILE B 261 -6.53 -8.51 -11.95
N LEU B 262 -7.15 -9.69 -12.01
CA LEU B 262 -8.50 -9.85 -11.48
C LEU B 262 -8.63 -9.48 -9.99
N PRO B 263 -7.71 -9.95 -9.14
CA PRO B 263 -7.87 -9.59 -7.72
C PRO B 263 -7.91 -8.09 -7.49
N TYR B 264 -7.06 -7.35 -8.20
CA TYR B 264 -7.03 -5.90 -8.07
C TYR B 264 -8.31 -5.27 -8.62
N LEU B 265 -8.76 -5.78 -9.76
CA LEU B 265 -10.03 -5.34 -10.36
C LEU B 265 -11.23 -5.56 -9.45
N LYS B 266 -11.31 -6.75 -8.86
CA LYS B 266 -12.40 -7.10 -7.97
C LYS B 266 -12.46 -6.15 -6.79
N LYS B 267 -11.29 -5.81 -6.27
CA LYS B 267 -11.18 -4.82 -5.20
C LYS B 267 -11.81 -3.50 -5.63
N ALA B 268 -11.40 -2.99 -6.80
CA ALA B 268 -11.94 -1.72 -7.26
C ALA B 268 -13.47 -1.79 -7.31
N ILE B 269 -14.00 -2.91 -7.81
CA ILE B 269 -15.44 -3.11 -7.81
C ILE B 269 -16.02 -3.12 -6.40
N ASN B 270 -15.27 -3.68 -5.46
CA ASN B 270 -15.68 -3.65 -4.06
C ASN B 270 -15.78 -2.22 -3.58
N GLU B 271 -14.70 -1.46 -3.78
CA GLU B 271 -14.65 -0.06 -3.36
C GLU B 271 -15.79 0.74 -4.00
N ALA B 272 -15.97 0.54 -5.30
CA ALA B 272 -17.02 1.22 -6.05
C ALA B 272 -18.40 0.95 -5.47
N TYR B 273 -18.76 -0.33 -5.34
CA TYR B 273 -20.07 -0.73 -4.81
C TYR B 273 -20.39 -0.26 -3.40
N ASN B 274 -19.36 -0.07 -2.58
CA ASN B 274 -19.54 0.44 -1.21
C ASN B 274 -20.14 1.84 -1.21
N LYS B 275 -19.80 2.61 -2.24
CA LYS B 275 -20.13 4.03 -2.23
C LYS B 275 -21.26 4.45 -3.17
N VAL B 276 -21.66 3.55 -4.07
CA VAL B 276 -22.64 3.89 -5.12
C VAL B 276 -23.94 4.51 -4.59
N ASN B 277 -24.59 3.80 -3.66
CA ASN B 277 -25.94 4.16 -3.23
C ASN B 277 -26.87 4.23 -4.44
N GLY B 278 -27.44 3.08 -4.79
CA GLY B 278 -28.17 2.94 -6.03
C GLY B 278 -27.54 1.81 -6.83
N ILE B 279 -28.19 1.41 -7.91
CA ILE B 279 -27.70 0.26 -8.66
C ILE B 279 -27.33 0.63 -10.09
N PRO B 280 -26.08 0.36 -10.49
CA PRO B 280 -25.65 0.65 -11.85
C PRO B 280 -26.25 -0.34 -12.83
N MET B 281 -26.76 0.15 -13.95
CA MET B 281 -27.22 -0.70 -15.03
C MET B 281 -26.12 -0.81 -16.09
N ARG B 282 -24.98 -0.18 -15.82
CA ARG B 282 -23.85 -0.28 -16.75
C ARG B 282 -22.51 -0.29 -16.02
N ILE B 283 -21.64 -1.20 -16.42
CA ILE B 283 -20.32 -1.28 -15.80
C ILE B 283 -19.22 -1.20 -16.87
N THR B 284 -18.15 -0.46 -16.55
CA THR B 284 -17.05 -0.28 -17.49
C THR B 284 -15.71 -0.56 -16.84
N VAL B 285 -14.89 -1.35 -17.52
CA VAL B 285 -13.56 -1.63 -17.06
C VAL B 285 -12.60 -0.71 -17.80
N ILE B 286 -11.76 -0.04 -17.03
CA ILE B 286 -10.75 0.88 -17.54
C ILE B 286 -9.35 0.34 -17.33
N ALA B 287 -8.56 0.33 -18.41
CA ALA B 287 -7.21 -0.19 -18.39
C ALA B 287 -6.25 0.90 -18.79
N ILE B 288 -5.33 1.21 -17.90
CA ILE B 288 -4.27 2.16 -18.22
C ILE B 288 -3.06 1.32 -18.60
N MET B 289 -2.54 1.50 -19.80
CA MET B 289 -1.43 0.67 -20.27
C MET B 289 -0.07 1.17 -19.83
N GLU B 290 0.98 0.45 -20.21
CA GLU B 290 2.33 0.78 -19.81
C GLU B 290 2.78 2.16 -20.30
N ASP B 291 2.19 2.61 -21.40
CA ASP B 291 2.50 3.90 -21.98
C ASP B 291 1.47 4.94 -21.56
N LEU B 292 0.68 4.59 -20.55
CA LEU B 292 -0.33 5.46 -19.94
C LEU B 292 -1.52 5.74 -20.86
N ASP B 293 -1.62 4.98 -21.94
CA ASP B 293 -2.79 5.03 -22.80
C ASP B 293 -3.97 4.42 -22.06
N ILE B 294 -5.17 4.98 -22.23
CA ILE B 294 -6.34 4.46 -21.53
C ILE B 294 -7.36 3.82 -22.46
N LEU B 295 -7.61 2.55 -22.23
CA LEU B 295 -8.57 1.78 -23.01
C LEU B 295 -9.69 1.34 -22.09
N SER B 296 -10.90 1.19 -22.61
CA SER B 296 -11.99 0.74 -21.76
C SER B 296 -13.08 0.00 -22.53
N LYS B 297 -13.87 -0.79 -21.82
CA LYS B 297 -15.04 -1.39 -22.43
C LYS B 297 -16.09 -1.67 -21.36
N GLY B 298 -17.36 -1.68 -21.73
CA GLY B 298 -18.40 -1.85 -20.75
C GLY B 298 -19.65 -2.50 -21.29
N LYS B 299 -20.51 -2.95 -20.38
CA LYS B 299 -21.79 -3.51 -20.78
C LYS B 299 -22.93 -2.80 -20.07
N LYS B 300 -24.02 -2.61 -20.82
CA LYS B 300 -25.23 -1.99 -20.31
C LYS B 300 -26.32 -3.05 -20.22
N PHE B 301 -26.98 -3.12 -19.07
CA PHE B 301 -28.06 -4.08 -18.87
C PHE B 301 -29.39 -3.37 -18.73
N LYS B 302 -30.48 -4.07 -18.97
CA LYS B 302 -31.79 -3.46 -18.81
C LYS B 302 -32.27 -3.60 -17.37
N HIS B 303 -31.42 -4.15 -16.52
CA HIS B 303 -31.69 -4.24 -15.10
C HIS B 303 -30.42 -3.89 -14.34
N GLY B 304 -30.54 -3.59 -13.05
CA GLY B 304 -29.37 -3.27 -12.25
C GLY B 304 -28.36 -4.42 -12.23
N ILE B 305 -27.12 -4.11 -11.86
CA ILE B 305 -26.06 -5.11 -11.83
C ILE B 305 -25.64 -5.40 -10.39
N SER B 306 -25.85 -6.64 -9.96
CA SER B 306 -25.39 -7.09 -8.65
C SER B 306 -23.86 -7.09 -8.61
N ILE B 307 -23.30 -6.98 -7.42
CA ILE B 307 -21.84 -6.96 -7.30
C ILE B 307 -21.24 -8.25 -7.85
N ASP B 308 -21.90 -9.36 -7.55
CA ASP B 308 -21.42 -10.69 -7.93
C ASP B 308 -21.28 -10.87 -9.44
N ASN B 309 -22.29 -10.52 -10.22
CA ASN B 309 -22.06 -10.59 -11.67
C ASN B 309 -21.32 -9.39 -12.21
N ALA B 310 -21.10 -8.38 -11.37
CA ALA B 310 -20.19 -7.33 -11.76
C ALA B 310 -18.80 -7.94 -11.83
N TYR B 311 -18.52 -8.87 -10.92
CA TYR B 311 -17.25 -9.60 -10.98
C TYR B 311 -17.05 -10.33 -12.31
N LYS B 312 -18.08 -11.05 -12.73
CA LYS B 312 -18.04 -11.85 -13.95
C LYS B 312 -17.93 -10.96 -15.19
N VAL B 313 -18.89 -10.05 -15.31
CA VAL B 313 -18.93 -9.10 -16.41
C VAL B 313 -17.61 -8.36 -16.54
N ALA B 314 -17.06 -7.92 -15.41
CA ALA B 314 -15.77 -7.21 -15.42
C ALA B 314 -14.63 -8.11 -15.87
N GLU B 315 -14.63 -9.37 -15.43
CA GLU B 315 -13.63 -10.31 -15.91
C GLU B 315 -13.69 -10.43 -17.44
N ASP B 316 -14.89 -10.69 -17.95
CA ASP B 316 -15.12 -10.77 -19.37
C ASP B 316 -14.59 -9.52 -20.07
N LEU B 317 -15.07 -8.35 -19.68
CA LEU B 317 -14.65 -7.08 -20.25
C LEU B 317 -13.12 -6.91 -20.26
N LEU B 318 -12.48 -7.35 -19.18
CA LEU B 318 -11.03 -7.36 -19.10
C LEU B 318 -10.38 -8.27 -20.16
N ARG B 319 -10.92 -9.47 -20.33
CA ARG B 319 -10.40 -10.38 -21.35
C ARG B 319 -10.57 -9.80 -22.74
N GLU B 320 -11.72 -9.16 -22.93
CA GLU B 320 -12.10 -8.62 -24.22
C GLU B 320 -11.18 -7.46 -24.58
N LEU B 321 -10.83 -6.68 -23.56
CA LEU B 321 -9.83 -5.63 -23.71
C LEU B 321 -8.48 -6.23 -24.07
N LEU B 322 -8.13 -7.35 -23.44
CA LEU B 322 -6.87 -8.02 -23.77
C LEU B 322 -6.84 -8.61 -25.19
N VAL B 323 -8.02 -8.82 -25.76
CA VAL B 323 -8.11 -9.23 -27.16
C VAL B 323 -8.03 -8.02 -28.08
N ARG B 324 -8.56 -6.88 -27.61
CA ARG B 324 -8.42 -5.63 -28.34
C ARG B 324 -6.94 -5.24 -28.45
N ASP B 325 -6.25 -5.14 -27.33
CA ASP B 325 -4.81 -4.87 -27.32
C ASP B 325 -4.03 -6.11 -26.94
N LYS B 326 -3.32 -6.68 -27.90
CA LYS B 326 -2.57 -7.92 -27.69
C LYS B 326 -1.09 -7.66 -27.43
N ARG B 327 -0.73 -6.39 -27.27
CA ARG B 327 0.68 -6.02 -27.19
C ARG B 327 1.11 -5.34 -25.88
N ARG B 328 0.39 -4.31 -25.46
CA ARG B 328 0.80 -3.53 -24.31
C ARG B 328 0.49 -4.21 -22.98
N ASN B 329 1.32 -3.91 -21.98
CA ASN B 329 1.06 -4.29 -20.62
C ASN B 329 0.15 -3.29 -19.92
N VAL B 330 -0.70 -3.80 -19.03
CA VAL B 330 -1.50 -2.96 -18.16
C VAL B 330 -0.66 -2.47 -16.99
N ARG B 331 -0.69 -1.17 -16.73
CA ARG B 331 -0.02 -0.58 -15.58
C ARG B 331 -0.99 -0.39 -14.42
N ARG B 332 -2.16 0.19 -14.70
CA ARG B 332 -3.21 0.41 -13.70
C ARG B 332 -4.55 -0.11 -14.23
N ILE B 333 -5.46 -0.47 -13.32
CA ILE B 333 -6.78 -0.96 -13.71
C ILE B 333 -7.90 -0.36 -12.86
N GLY B 334 -9.04 -0.08 -13.47
CA GLY B 334 -10.13 0.58 -12.79
C GLY B 334 -11.51 0.11 -13.24
N VAL B 335 -12.52 0.40 -12.45
CA VAL B 335 -13.88 0.08 -12.83
C VAL B 335 -14.72 1.37 -12.77
N LYS B 336 -15.70 1.49 -13.66
CA LYS B 336 -16.65 2.58 -13.61
C LYS B 336 -18.09 2.07 -13.62
N LEU B 337 -18.87 2.53 -12.66
CA LEU B 337 -20.28 2.20 -12.56
C LEU B 337 -21.10 3.44 -12.87
N ASP B 338 -22.05 3.32 -13.80
CA ASP B 338 -23.00 4.40 -14.08
C ASP B 338 -24.36 3.88 -14.49
N ASN B 339 -25.13 4.73 -15.16
CA ASN B 339 -26.55 4.48 -15.40
C ASN B 339 -27.19 4.07 -14.09
N ILE B 340 -26.78 4.75 -13.03
CA ILE B 340 -27.15 4.41 -11.66
C ILE B 340 -28.63 4.69 -11.40
N ILE B 341 -29.27 3.85 -10.58
CA ILE B 341 -30.70 4.04 -10.28
C ILE B 341 -30.98 4.31 -8.81
N ILE B 342 -31.56 5.49 -8.56
CA ILE B 342 -31.94 5.88 -7.20
C ILE B 342 -33.46 5.81 -7.02
#